data_8S77
#
_entry.id   8S77
#
_cell.length_a   47.283
_cell.length_b   80.337
_cell.length_c   89.248
_cell.angle_alpha   90.00
_cell.angle_beta   91.87
_cell.angle_gamma   90.00
#
_symmetry.space_group_name_H-M   'P 1 21 1'
#
loop_
_entity.id
_entity.type
_entity.pdbx_description
1 polymer 'Bifunctional epoxide hydrolase 2'
2 non-polymer 1,2-ETHANEDIOL
3 non-polymer ~{N}-[[4-(cyclopropylsulfonylamino)-2-(trifluoromethyl)phenyl]methyl]-1-ethylsulfonyl-indole-5-carboxamide
4 non-polymer DI(HYDROXYETHYL)ETHER
5 water water
#
_entity_poly.entity_id   1
_entity_poly.type   'polypeptide(L)'
_entity_poly.pdbx_seq_one_letter_code
;MGSSHHHHHHSSGLVPRGSHMASMLNTPAPLPTSCNPSDMSHGYVTVKPRVRLHFVELGSGPAVCLCHGFPESWYSWRYQ
IPALAQAGYRVLAMDMKGYGESSAPPEIEEYCMEVLCKEMVTFLDKLGLSQAVFIGHDWGGMLVWYMALFYPERVRAVAS
LNTPFIPANPNMSPLESIKANPVFDYQLYFQEPGVAEAELEQNLSRTFKSLFRASDESVLSMHKVCEAGGLFVNSPEEPS
LSRMVTEEEIQFYVQQFKKSGFRGPLNWYRNMERNWKWACKSLGRKILIPALMVTAEKDFVLVPQMSQHMEDWIPHLKRG
HIEDCGHWTQMDKPTEVNQILIKWLDSDARNPPVVSKMLLEHHHHHH
;
_entity_poly.pdbx_strand_id   A,B
#
loop_
_chem_comp.id
_chem_comp.type
_chem_comp.name
_chem_comp.formula
A1H5J non-polymer ~{N}-[[4-(cyclopropylsulfonylamino)-2-(trifluoromethyl)phenyl]methyl]-1-ethylsulfonyl-indole-5-carboxamide 'C22 H22 F3 N3 O5 S2'
EDO non-polymer 1,2-ETHANEDIOL 'C2 H6 O2'
PEG non-polymer DI(HYDROXYETHYL)ETHER 'C4 H10 O3'
#
# COMPACT_ATOMS: atom_id res chain seq x y z
N LEU A 31 -1.06 27.96 2.52
CA LEU A 31 -0.28 26.70 2.40
C LEU A 31 -1.16 25.60 1.82
N PRO A 32 -0.60 24.75 0.94
CA PRO A 32 -1.33 23.57 0.49
C PRO A 32 -1.69 22.67 1.67
N THR A 33 -2.71 21.85 1.44
CA THR A 33 -3.04 20.77 2.36
C THR A 33 -1.81 19.92 2.65
N SER A 34 -1.59 19.59 3.90
CA SER A 34 -0.52 18.72 4.34
C SER A 34 -1.03 17.29 4.63
N CYS A 35 -0.21 16.48 5.29
CA CYS A 35 -0.54 15.11 5.61
C CYS A 35 -0.39 14.86 7.11
N ASN A 36 -1.34 14.11 7.70
CA ASN A 36 -1.22 13.61 9.06
C ASN A 36 -0.76 12.17 8.96
N PRO A 37 0.45 11.80 9.46
CA PRO A 37 0.93 10.43 9.34
C PRO A 37 -0.06 9.33 9.69
N SER A 38 -0.81 9.54 10.78
N SER A 38 -0.80 9.48 10.80
CA SER A 38 -1.75 8.55 11.28
CA SER A 38 -1.71 8.41 11.22
C SER A 38 -2.91 8.30 10.32
C SER A 38 -2.92 8.27 10.31
N ASP A 39 -3.14 9.22 9.38
CA ASP A 39 -4.25 9.20 8.45
C ASP A 39 -3.87 8.68 7.07
N MET A 40 -2.63 8.23 6.94
CA MET A 40 -2.13 7.76 5.66
C MET A 40 -2.22 6.24 5.59
N SER A 41 -2.29 5.70 4.36
CA SER A 41 -2.02 4.29 4.10
C SER A 41 -0.51 4.08 4.09
N HIS A 42 -0.03 3.17 4.94
CA HIS A 42 1.36 2.83 5.07
C HIS A 42 1.59 1.48 4.40
N GLY A 43 2.58 1.44 3.53
CA GLY A 43 2.93 0.23 2.80
C GLY A 43 4.34 -0.22 3.10
N TYR A 44 4.56 -1.54 2.95
CA TYR A 44 5.85 -2.15 3.25
C TYR A 44 6.11 -3.23 2.21
N VAL A 45 7.28 -3.18 1.61
CA VAL A 45 7.67 -4.14 0.58
C VAL A 45 9.05 -4.63 0.97
N THR A 46 9.22 -5.96 1.10
CA THR A 46 10.52 -6.53 1.38
C THR A 46 11.21 -6.85 0.08
N VAL A 47 12.20 -6.06 -0.28
CA VAL A 47 12.88 -6.15 -1.57
C VAL A 47 14.00 -7.20 -1.49
N LYS A 48 14.52 -7.49 -0.29
CA LYS A 48 15.47 -8.57 -0.04
C LYS A 48 15.26 -9.01 1.39
N PRO A 49 15.71 -10.21 1.81
CA PRO A 49 15.39 -10.65 3.17
C PRO A 49 15.60 -9.67 4.33
N ARG A 50 16.65 -8.85 4.28
CA ARG A 50 16.92 -7.90 5.36
C ARG A 50 16.58 -6.45 5.00
N VAL A 51 15.92 -6.24 3.85
CA VAL A 51 15.65 -4.87 3.42
C VAL A 51 14.17 -4.74 3.09
N ARG A 52 13.47 -3.98 3.93
CA ARG A 52 12.06 -3.66 3.70
C ARG A 52 11.95 -2.15 3.55
N LEU A 53 11.25 -1.71 2.53
CA LEU A 53 11.01 -0.30 2.26
C LEU A 53 9.59 0.04 2.60
N HIS A 54 9.48 1.17 3.32
CA HIS A 54 8.23 1.75 3.75
C HIS A 54 7.88 2.91 2.85
N PHE A 55 6.58 3.08 2.65
CA PHE A 55 6.08 4.20 1.89
C PHE A 55 4.68 4.53 2.38
N VAL A 56 4.23 5.73 2.00
CA VAL A 56 2.84 6.09 2.11
C VAL A 56 2.22 6.22 0.72
N GLU A 57 0.92 5.96 0.63
CA GLU A 57 0.24 5.89 -0.67
C GLU A 57 -1.10 6.61 -0.64
N LEU A 58 -1.30 7.50 -1.61
CA LEU A 58 -2.54 8.30 -1.70
C LEU A 58 -2.88 8.54 -3.15
N GLY A 59 -4.18 8.32 -3.48
CA GLY A 59 -4.69 8.66 -4.81
C GLY A 59 -4.80 7.47 -5.76
N SER A 60 -5.55 7.75 -6.83
CA SER A 60 -5.68 6.86 -7.95
C SER A 60 -5.13 7.51 -9.20
N GLY A 61 -4.73 6.68 -10.18
CA GLY A 61 -4.23 7.21 -11.43
C GLY A 61 -2.80 6.70 -11.71
N PRO A 62 -2.05 7.30 -12.65
CA PRO A 62 -0.67 6.85 -12.94
C PRO A 62 0.13 6.91 -11.65
N ALA A 63 0.98 5.91 -11.39
CA ALA A 63 1.86 5.84 -10.24
C ALA A 63 2.97 6.88 -10.36
N VAL A 64 3.14 7.61 -9.24
CA VAL A 64 4.21 8.58 -9.11
C VAL A 64 4.97 8.32 -7.81
N CYS A 65 6.26 8.03 -7.89
CA CYS A 65 7.09 7.64 -6.76
C CYS A 65 8.00 8.83 -6.41
N LEU A 66 7.79 9.33 -5.19
CA LEU A 66 8.54 10.49 -4.70
C LEU A 66 9.69 10.01 -3.80
N CYS A 67 10.87 10.56 -4.06
CA CYS A 67 12.11 10.07 -3.45
C CYS A 67 12.87 11.24 -2.81
N HIS A 68 12.87 11.28 -1.46
CA HIS A 68 13.39 12.40 -0.67
C HIS A 68 14.92 12.36 -0.63
N GLY A 69 15.49 13.41 -0.03
CA GLY A 69 16.92 13.57 0.11
C GLY A 69 17.44 13.44 1.55
N PHE A 70 18.67 13.96 1.71
CA PHE A 70 19.32 13.87 3.04
C PHE A 70 19.11 15.15 3.86
N PRO A 71 18.89 15.07 5.19
CA PRO A 71 18.40 13.91 5.92
C PRO A 71 16.91 14.04 6.14
N GLU A 72 16.10 13.49 5.23
CA GLU A 72 14.67 13.79 5.23
C GLU A 72 13.81 12.57 5.47
N SER A 73 12.67 12.44 4.80
CA SER A 73 11.56 11.57 5.18
C SER A 73 10.53 11.59 4.04
N TRP A 74 9.65 10.59 3.97
CA TRP A 74 8.48 10.68 3.11
C TRP A 74 7.76 11.98 3.38
N TYR A 75 7.80 12.41 4.65
CA TYR A 75 7.04 13.56 5.13
C TYR A 75 7.55 14.88 4.57
N SER A 76 8.76 14.89 3.98
CA SER A 76 9.22 16.07 3.27
C SER A 76 8.32 16.39 2.09
N TRP A 77 7.57 15.43 1.60
CA TRP A 77 6.62 15.62 0.50
C TRP A 77 5.19 15.89 0.99
N ARG A 78 4.99 16.19 2.26
CA ARG A 78 3.68 16.40 2.84
C ARG A 78 2.77 17.38 2.08
N TYR A 79 3.33 18.45 1.51
CA TYR A 79 2.51 19.39 0.74
C TYR A 79 2.29 18.97 -0.72
N GLN A 80 3.11 18.06 -1.27
CA GLN A 80 2.84 17.56 -2.60
C GLN A 80 1.87 16.39 -2.65
N ILE A 81 1.90 15.51 -1.67
CA ILE A 81 1.15 14.26 -1.73
C ILE A 81 -0.34 14.51 -1.94
N PRO A 82 -1.00 15.39 -1.15
CA PRO A 82 -2.44 15.62 -1.42
C PRO A 82 -2.71 16.29 -2.75
N ALA A 83 -1.88 17.26 -3.10
CA ALA A 83 -2.08 17.99 -4.35
C ALA A 83 -1.96 17.08 -5.56
N LEU A 84 -0.96 16.19 -5.55
CA LEU A 84 -0.78 15.30 -6.69
C LEU A 84 -1.87 14.25 -6.77
N ALA A 85 -2.30 13.74 -5.62
CA ALA A 85 -3.46 12.82 -5.59
C ALA A 85 -4.71 13.51 -6.14
N GLN A 86 -4.96 14.73 -5.70
CA GLN A 86 -6.15 15.45 -6.19
C GLN A 86 -6.09 15.72 -7.68
N ALA A 87 -4.87 15.86 -8.23
CA ALA A 87 -4.68 16.10 -9.64
C ALA A 87 -4.84 14.83 -10.46
N GLY A 88 -5.03 13.69 -9.80
CA GLY A 88 -5.33 12.46 -10.53
C GLY A 88 -4.16 11.49 -10.61
N TYR A 89 -3.28 11.46 -9.59
CA TYR A 89 -2.13 10.55 -9.60
C TYR A 89 -2.21 9.67 -8.37
N ARG A 90 -1.65 8.45 -8.51
CA ARG A 90 -1.42 7.53 -7.40
C ARG A 90 -0.01 7.79 -6.89
N VAL A 91 0.05 8.39 -5.70
CA VAL A 91 1.31 8.86 -5.15
C VAL A 91 1.86 7.83 -4.17
N LEU A 92 3.15 7.48 -4.37
CA LEU A 92 3.89 6.60 -3.46
C LEU A 92 5.08 7.39 -2.93
N ALA A 93 5.04 7.82 -1.67
CA ALA A 93 6.12 8.62 -1.13
C ALA A 93 6.96 7.75 -0.20
N MET A 94 8.22 7.52 -0.60
CA MET A 94 9.07 6.55 0.09
C MET A 94 9.68 7.14 1.36
N ASP A 95 9.98 6.25 2.29
CA ASP A 95 11.10 6.40 3.18
C ASP A 95 12.27 5.72 2.48
N MET A 96 13.31 6.45 2.10
CA MET A 96 14.43 5.84 1.39
C MET A 96 15.21 4.93 2.31
N LYS A 97 15.95 4.00 1.71
CA LYS A 97 16.76 3.11 2.53
C LYS A 97 17.61 3.96 3.47
N GLY A 98 17.61 3.53 4.75
CA GLY A 98 18.35 4.20 5.80
C GLY A 98 17.48 5.10 6.64
N TYR A 99 16.19 5.33 6.25
CA TYR A 99 15.36 6.33 6.88
C TYR A 99 14.05 5.81 7.42
N GLY A 100 13.60 6.34 8.56
CA GLY A 100 12.23 6.17 8.98
C GLY A 100 11.92 4.72 9.29
N GLU A 101 10.84 4.22 8.67
CA GLU A 101 10.44 2.83 8.86
C GLU A 101 11.09 1.88 7.86
N SER A 102 11.89 2.38 6.94
CA SER A 102 12.65 1.54 6.01
C SER A 102 13.86 0.94 6.75
N SER A 103 14.34 -0.18 6.27
CA SER A 103 15.54 -0.81 6.82
C SER A 103 16.73 0.11 6.69
N ALA A 104 17.64 0.01 7.65
CA ALA A 104 18.85 0.80 7.69
C ALA A 104 20.02 -0.10 8.06
N PRO A 105 20.50 -0.95 7.15
CA PRO A 105 21.66 -1.83 7.38
C PRO A 105 22.86 -0.93 7.59
N PRO A 106 23.87 -1.32 8.38
CA PRO A 106 24.99 -0.41 8.62
C PRO A 106 26.07 -0.28 7.57
N GLU A 107 26.16 -1.25 6.65
CA GLU A 107 27.23 -1.32 5.68
C GLU A 107 27.13 -0.18 4.68
N ILE A 108 28.27 0.48 4.46
CA ILE A 108 28.37 1.59 3.54
C ILE A 108 27.87 1.19 2.17
N GLU A 109 28.24 0.01 1.69
CA GLU A 109 28.10 -0.35 0.28
C GLU A 109 26.62 -0.65 -0.01
N GLU A 110 25.81 -0.80 1.03
CA GLU A 110 24.36 -0.99 0.89
C GLU A 110 23.67 0.30 0.39
N TYR A 111 24.41 1.41 0.28
CA TYR A 111 23.83 2.71 -0.04
C TYR A 111 24.51 3.29 -1.28
N CYS A 112 25.15 2.44 -2.10
CA CYS A 112 25.62 2.89 -3.39
C CYS A 112 24.44 2.91 -4.37
N MET A 113 24.56 3.76 -5.38
CA MET A 113 23.45 3.96 -6.33
C MET A 113 23.08 2.69 -7.10
N GLU A 114 24.05 1.82 -7.39
CA GLU A 114 23.71 0.58 -8.06
C GLU A 114 22.76 -0.25 -7.21
N VAL A 115 23.07 -0.45 -5.94
CA VAL A 115 22.25 -1.21 -5.04
C VAL A 115 20.87 -0.55 -4.87
N LEU A 116 20.88 0.77 -4.64
CA LEU A 116 19.63 1.47 -4.32
C LEU A 116 18.67 1.45 -5.51
N CYS A 117 19.22 1.60 -6.69
CA CYS A 117 18.41 1.59 -7.91
C CYS A 117 17.82 0.20 -8.14
N LYS A 118 18.63 -0.84 -8.03
CA LYS A 118 18.14 -2.17 -8.25
C LYS A 118 17.08 -2.57 -7.21
N GLU A 119 17.14 -2.01 -6.00
CA GLU A 119 16.12 -2.22 -5.00
C GLU A 119 14.79 -1.57 -5.41
N MET A 120 14.88 -0.38 -6.01
CA MET A 120 13.69 0.35 -6.42
C MET A 120 13.07 -0.39 -7.59
N VAL A 121 13.86 -1.02 -8.47
CA VAL A 121 13.27 -1.88 -9.50
C VAL A 121 12.51 -3.08 -8.89
N THR A 122 13.14 -3.73 -7.89
CA THR A 122 12.46 -4.82 -7.22
C THR A 122 11.15 -4.32 -6.57
N PHE A 123 11.20 -3.12 -5.98
CA PHE A 123 10.04 -2.51 -5.35
C PHE A 123 8.89 -2.46 -6.34
N LEU A 124 9.14 -1.92 -7.54
CA LEU A 124 8.12 -1.87 -8.59
C LEU A 124 7.64 -3.27 -8.93
N ASP A 125 8.57 -4.22 -9.02
CA ASP A 125 8.21 -5.60 -9.38
C ASP A 125 7.25 -6.19 -8.37
N LYS A 126 7.51 -5.95 -7.09
CA LYS A 126 6.72 -6.55 -6.03
C LYS A 126 5.33 -5.94 -5.95
N LEU A 127 5.24 -4.62 -6.26
CA LEU A 127 3.99 -3.91 -6.31
C LEU A 127 3.27 -4.20 -7.62
N GLY A 128 3.90 -4.88 -8.58
CA GLY A 128 3.23 -5.16 -9.84
C GLY A 128 3.04 -3.96 -10.72
N LEU A 129 3.98 -3.00 -10.68
CA LEU A 129 3.99 -1.80 -11.47
C LEU A 129 4.97 -1.90 -12.62
N SER A 130 4.46 -1.82 -13.86
N SER A 130 4.46 -1.83 -13.85
CA SER A 130 5.34 -1.88 -15.01
CA SER A 130 5.34 -1.93 -15.01
C SER A 130 6.22 -0.62 -15.07
C SER A 130 6.31 -0.76 -15.04
N GLN A 131 5.60 0.54 -14.85
N GLN A 131 5.86 0.37 -14.50
CA GLN A 131 6.34 1.79 -14.77
CA GLN A 131 6.57 1.62 -14.57
C GLN A 131 5.86 2.63 -13.59
C GLN A 131 5.89 2.62 -13.63
N ALA A 132 6.67 3.63 -13.26
CA ALA A 132 6.20 4.77 -12.47
C ALA A 132 6.89 6.02 -12.93
N VAL A 133 6.29 7.16 -12.64
CA VAL A 133 6.97 8.44 -12.75
C VAL A 133 7.85 8.53 -11.49
N PHE A 134 9.12 8.92 -11.62
CA PHE A 134 10.00 9.11 -10.46
C PHE A 134 10.34 10.58 -10.32
N ILE A 135 10.11 11.12 -9.12
CA ILE A 135 10.36 12.50 -8.78
C ILE A 135 11.26 12.47 -7.53
N GLY A 136 12.39 13.11 -7.65
CA GLY A 136 13.34 13.08 -6.54
C GLY A 136 13.83 14.47 -6.20
N HIS A 137 14.35 14.58 -4.99
CA HIS A 137 15.00 15.80 -4.54
C HIS A 137 16.33 15.45 -3.89
N ASP A 138 17.37 16.23 -4.12
CA ASP A 138 18.61 16.04 -3.38
C ASP A 138 19.16 14.63 -3.73
N TRP A 139 19.60 13.81 -2.76
CA TRP A 139 20.11 12.46 -3.07
C TRP A 139 19.01 11.65 -3.76
N GLY A 140 17.74 11.86 -3.43
CA GLY A 140 16.68 11.17 -4.18
C GLY A 140 16.61 11.64 -5.63
N GLY A 141 17.02 12.88 -5.93
CA GLY A 141 17.13 13.31 -7.33
C GLY A 141 18.23 12.59 -8.05
N MET A 142 19.39 12.36 -7.41
N MET A 142 19.37 12.34 -7.39
CA MET A 142 20.46 11.55 -7.98
CA MET A 142 20.45 11.59 -7.99
C MET A 142 19.93 10.16 -8.33
C MET A 142 19.95 10.17 -8.31
N LEU A 143 19.21 9.55 -7.40
CA LEU A 143 18.66 8.21 -7.61
C LEU A 143 17.72 8.20 -8.81
N VAL A 144 16.80 9.17 -8.91
CA VAL A 144 15.86 9.07 -10.03
C VAL A 144 16.52 9.32 -11.38
N TRP A 145 17.55 10.14 -11.46
CA TRP A 145 18.32 10.25 -12.70
C TRP A 145 18.91 8.91 -13.10
N TYR A 146 19.49 8.16 -12.16
N TYR A 146 19.56 8.23 -12.15
CA TYR A 146 20.12 6.89 -12.55
CA TYR A 146 20.15 6.91 -12.38
C TYR A 146 19.06 5.82 -12.80
C TYR A 146 19.08 5.91 -12.82
N MET A 147 17.90 5.92 -12.19
CA MET A 147 16.78 5.07 -12.58
C MET A 147 16.44 5.34 -14.03
N ALA A 148 16.31 6.61 -14.44
CA ALA A 148 16.03 6.97 -15.82
C ALA A 148 17.15 6.52 -16.77
N LEU A 149 18.39 6.58 -16.33
CA LEU A 149 19.50 6.29 -17.20
C LEU A 149 19.60 4.78 -17.45
N PHE A 150 19.55 3.99 -16.38
CA PHE A 150 19.82 2.55 -16.46
C PHE A 150 18.54 1.72 -16.57
N TYR A 151 17.38 2.22 -16.11
CA TYR A 151 16.12 1.48 -16.13
C TYR A 151 15.02 2.29 -16.79
N PRO A 152 15.24 2.86 -17.97
CA PRO A 152 14.20 3.68 -18.59
C PRO A 152 12.88 2.99 -18.88
N GLU A 153 12.94 1.69 -19.17
CA GLU A 153 11.75 0.90 -19.41
C GLU A 153 10.83 0.88 -18.19
N ARG A 154 11.35 1.18 -16.99
CA ARG A 154 10.55 1.21 -15.77
C ARG A 154 10.18 2.62 -15.31
N VAL A 155 10.66 3.63 -16.01
CA VAL A 155 10.45 5.03 -15.61
C VAL A 155 9.60 5.69 -16.69
N ARG A 156 8.38 5.97 -16.35
CA ARG A 156 7.47 6.65 -17.27
C ARG A 156 7.97 8.03 -17.66
N ALA A 157 8.51 8.75 -16.66
CA ALA A 157 9.00 10.10 -16.79
C ALA A 157 9.78 10.37 -15.50
N VAL A 158 10.72 11.31 -15.55
CA VAL A 158 11.57 11.58 -14.39
C VAL A 158 11.61 13.09 -14.16
N ALA A 159 11.51 13.50 -12.90
CA ALA A 159 11.71 14.88 -12.50
C ALA A 159 12.69 14.94 -11.31
N SER A 160 13.53 16.00 -11.31
CA SER A 160 14.48 16.26 -10.21
C SER A 160 14.28 17.68 -9.73
N LEU A 161 14.16 17.85 -8.40
CA LEU A 161 14.29 19.13 -7.70
C LEU A 161 15.74 19.28 -7.30
N ASN A 162 16.40 20.30 -7.82
CA ASN A 162 17.67 20.84 -7.38
C ASN A 162 18.81 20.04 -7.99
N THR A 163 18.76 18.71 -7.89
CA THR A 163 19.89 17.88 -8.27
C THR A 163 20.02 17.76 -9.80
N PRO A 164 21.16 18.11 -10.38
CA PRO A 164 21.39 18.02 -11.82
C PRO A 164 21.81 16.61 -12.15
N PHE A 165 21.77 16.31 -13.45
CA PHE A 165 22.34 15.11 -14.04
C PHE A 165 23.62 15.56 -14.74
N ILE A 166 24.76 15.06 -14.20
N ILE A 166 24.78 15.09 -14.28
CA ILE A 166 26.13 15.29 -14.65
CA ILE A 166 26.03 15.43 -14.92
C ILE A 166 26.65 13.98 -15.25
C ILE A 166 26.76 14.14 -15.25
N PRO A 167 27.04 13.89 -16.55
CA PRO A 167 27.70 12.66 -16.99
C PRO A 167 28.96 12.36 -16.19
N ALA A 168 29.22 11.06 -16.00
CA ALA A 168 30.48 10.64 -15.44
C ALA A 168 31.57 10.79 -16.49
N ASN A 169 32.71 11.32 -16.04
CA ASN A 169 33.86 11.50 -16.88
C ASN A 169 34.75 10.27 -16.68
N PRO A 170 34.87 9.37 -17.66
CA PRO A 170 35.52 8.09 -17.41
C PRO A 170 37.00 8.24 -17.09
N ASN A 171 37.55 9.46 -17.26
CA ASN A 171 38.92 9.76 -16.84
C ASN A 171 38.97 10.98 -15.91
N MET A 172 38.41 10.87 -14.70
CA MET A 172 38.57 11.88 -13.67
C MET A 172 38.04 11.38 -12.33
N SER A 173 38.84 11.56 -11.27
CA SER A 173 38.55 11.01 -9.94
C SER A 173 37.49 11.85 -9.24
N PRO A 174 36.46 11.22 -8.64
CA PRO A 174 35.47 11.94 -7.84
C PRO A 174 36.04 12.73 -6.65
N LEU A 175 37.30 12.44 -6.28
CA LEU A 175 37.97 13.16 -5.22
C LEU A 175 38.27 14.59 -5.66
N GLU A 176 38.73 14.74 -6.92
CA GLU A 176 39.20 16.02 -7.44
C GLU A 176 38.07 17.05 -7.50
N SER A 177 36.90 16.66 -7.99
CA SER A 177 35.79 17.59 -8.20
C SER A 177 35.31 18.20 -6.88
N ILE A 178 34.98 17.34 -5.90
CA ILE A 178 34.44 17.78 -4.62
C ILE A 178 35.49 18.61 -3.89
N LYS A 179 36.76 18.18 -3.97
CA LYS A 179 37.88 18.84 -3.31
C LYS A 179 38.01 20.29 -3.77
N ALA A 180 37.62 20.58 -5.02
CA ALA A 180 37.72 21.92 -5.58
C ALA A 180 36.69 22.85 -4.92
N ASN A 181 35.40 22.65 -5.25
CA ASN A 181 34.33 23.54 -4.80
C ASN A 181 34.33 23.61 -3.27
N PRO A 182 34.68 24.77 -2.65
CA PRO A 182 34.70 24.86 -1.19
C PRO A 182 33.34 24.71 -0.49
N VAL A 183 32.22 24.76 -1.26
CA VAL A 183 30.90 24.61 -0.65
C VAL A 183 30.65 23.13 -0.39
N PHE A 184 31.55 22.25 -0.88
CA PHE A 184 31.46 20.81 -0.69
C PHE A 184 32.36 20.29 0.45
N ASP A 185 32.95 21.16 1.30
CA ASP A 185 33.81 20.73 2.39
C ASP A 185 33.09 19.89 3.47
N TYR A 186 31.83 20.20 3.80
CA TYR A 186 31.13 19.43 4.82
C TYR A 186 30.99 17.97 4.36
N GLN A 187 30.96 17.73 3.05
CA GLN A 187 30.88 16.36 2.52
C GLN A 187 32.12 15.55 2.83
N LEU A 188 33.28 16.20 2.96
N LEU A 188 33.28 16.21 2.99
CA LEU A 188 34.46 15.51 3.44
CA LEU A 188 34.48 15.53 3.47
C LEU A 188 34.30 15.19 4.93
C LEU A 188 34.28 15.16 4.94
N TYR A 189 33.73 16.09 5.72
CA TYR A 189 33.45 15.84 7.13
C TYR A 189 32.54 14.60 7.28
N PHE A 190 31.65 14.38 6.31
CA PHE A 190 30.73 13.26 6.37
C PHE A 190 31.34 11.92 5.98
N GLN A 191 32.58 11.84 5.51
CA GLN A 191 33.17 10.61 5.02
C GLN A 191 33.53 9.59 6.12
N GLU A 192 34.17 10.02 7.20
CA GLU A 192 34.67 9.05 8.17
C GLU A 192 33.53 8.54 9.03
N PRO A 193 33.22 7.22 9.00
CA PRO A 193 32.05 6.72 9.70
C PRO A 193 32.13 6.98 11.20
N GLY A 194 31.04 7.49 11.74
CA GLY A 194 30.87 7.71 13.16
C GLY A 194 31.01 9.16 13.61
N VAL A 195 31.76 9.95 12.81
CA VAL A 195 32.14 11.29 13.24
C VAL A 195 30.97 12.26 13.10
N ALA A 196 30.40 12.35 11.88
CA ALA A 196 29.23 13.22 11.75
C ALA A 196 27.98 12.66 12.44
N GLU A 197 27.90 11.33 12.53
CA GLU A 197 26.82 10.71 13.25
C GLU A 197 26.75 11.25 14.69
N ALA A 198 27.91 11.28 15.36
CA ALA A 198 27.88 11.70 16.75
C ALA A 198 27.36 13.13 16.90
N GLU A 199 27.77 13.97 15.96
CA GLU A 199 27.39 15.38 15.99
C GLU A 199 25.90 15.54 15.69
N LEU A 200 25.43 14.85 14.64
CA LEU A 200 24.04 14.98 14.23
C LEU A 200 23.08 14.32 15.20
N GLU A 201 23.52 13.26 15.90
CA GLU A 201 22.69 12.53 16.86
C GLU A 201 22.69 13.10 18.30
N GLN A 202 23.58 14.05 18.56
CA GLN A 202 23.75 14.52 19.93
C GLN A 202 22.46 15.19 20.43
N ASN A 203 21.83 15.99 19.58
CA ASN A 203 20.61 16.69 19.91
C ASN A 203 19.75 16.82 18.64
N LEU A 204 18.77 15.96 18.53
CA LEU A 204 18.08 15.81 17.24
C LEU A 204 17.25 17.06 16.95
N SER A 205 16.67 17.66 18.00
N SER A 205 16.59 17.69 17.94
CA SER A 205 15.84 18.83 17.83
CA SER A 205 15.83 18.90 17.68
C SER A 205 16.66 20.00 17.29
C SER A 205 16.77 19.98 17.16
N ARG A 206 17.89 20.16 17.84
CA ARG A 206 18.85 21.14 17.37
C ARG A 206 19.31 20.83 15.94
N THR A 207 19.54 19.56 15.64
CA THR A 207 19.95 19.16 14.29
C THR A 207 18.90 19.61 13.24
N PHE A 208 17.64 19.30 13.46
CA PHE A 208 16.64 19.63 12.45
C PHE A 208 16.32 21.13 12.42
N LYS A 209 16.25 21.81 13.57
CA LYS A 209 16.02 23.23 13.54
C LYS A 209 17.18 23.97 12.88
N SER A 210 18.41 23.51 13.05
CA SER A 210 19.59 24.10 12.43
C SER A 210 19.62 23.89 10.91
N LEU A 211 19.20 22.70 10.43
CA LEU A 211 19.27 22.42 8.99
C LEU A 211 18.08 22.99 8.20
N PHE A 212 16.88 22.84 8.72
CA PHE A 212 15.65 23.13 7.97
C PHE A 212 15.33 24.62 8.08
N ARG A 213 16.03 25.43 7.28
CA ARG A 213 15.89 26.88 7.37
C ARG A 213 15.86 27.45 5.96
N ALA A 214 15.15 28.60 5.77
CA ALA A 214 15.25 29.27 4.49
C ALA A 214 16.67 29.83 4.31
N SER A 215 17.01 30.22 3.07
N SER A 215 17.13 30.12 3.08
CA SER A 215 18.37 30.56 2.71
CA SER A 215 18.53 30.48 2.89
C SER A 215 18.90 31.77 3.49
C SER A 215 18.90 31.73 3.71
N ASP A 216 17.99 32.71 3.78
CA ASP A 216 18.26 33.92 4.51
C ASP A 216 18.35 33.69 6.01
N GLU A 217 17.83 32.57 6.50
CA GLU A 217 17.83 32.22 7.92
C GLU A 217 18.98 31.27 8.25
N SER A 218 19.89 30.97 7.33
CA SER A 218 20.94 30.01 7.56
C SER A 218 21.76 30.38 8.80
N VAL A 219 22.13 29.35 9.57
CA VAL A 219 23.05 29.45 10.71
C VAL A 219 24.32 28.64 10.46
N LEU A 220 24.57 28.18 9.22
CA LEU A 220 25.65 27.27 8.88
C LEU A 220 26.51 27.86 7.76
N SER A 221 27.83 27.80 7.92
CA SER A 221 28.75 28.01 6.80
C SER A 221 29.23 26.63 6.32
N MET A 222 29.09 26.36 5.02
CA MET A 222 29.52 25.09 4.45
C MET A 222 30.96 25.25 3.93
N HIS A 223 31.82 25.85 4.78
CA HIS A 223 33.23 26.10 4.50
C HIS A 223 34.02 25.79 5.76
N LYS A 224 35.19 25.14 5.60
CA LYS A 224 36.06 24.75 6.71
C LYS A 224 35.24 24.17 7.88
N VAL A 225 34.29 23.28 7.56
CA VAL A 225 33.54 22.53 8.55
C VAL A 225 34.49 21.60 9.30
N CYS A 226 35.41 21.00 8.54
CA CYS A 226 36.41 20.10 9.09
C CYS A 226 37.27 20.89 10.08
N GLU A 227 37.84 22.01 9.60
CA GLU A 227 38.70 22.85 10.42
C GLU A 227 37.94 23.30 11.66
N ALA A 228 36.67 23.68 11.48
CA ALA A 228 35.81 24.03 12.61
C ALA A 228 35.57 22.81 13.50
N GLY A 229 35.61 21.62 12.90
CA GLY A 229 35.48 20.39 13.66
C GLY A 229 34.00 20.00 13.87
N GLY A 230 33.13 20.45 12.95
CA GLY A 230 31.72 20.11 13.06
C GLY A 230 30.83 21.13 12.35
N LEU A 231 29.67 20.64 11.94
CA LEU A 231 28.67 21.46 11.27
C LEU A 231 28.11 22.50 12.22
N PHE A 232 28.03 22.22 13.52
CA PHE A 232 27.19 23.00 14.43
C PHE A 232 28.00 23.70 15.52
N VAL A 233 29.33 23.65 15.36
CA VAL A 233 30.24 24.17 16.36
C VAL A 233 29.89 25.63 16.68
N ASN A 234 29.55 26.39 15.65
CA ASN A 234 29.39 27.83 15.76
C ASN A 234 27.95 28.28 15.54
N SER A 235 27.00 27.36 15.71
N SER A 235 26.99 27.37 15.69
CA SER A 235 25.59 27.65 15.52
CA SER A 235 25.61 27.76 15.52
C SER A 235 24.91 27.75 16.89
C SER A 235 24.90 27.74 16.87
N PRO A 236 23.76 28.44 17.01
CA PRO A 236 23.03 28.47 18.29
C PRO A 236 22.83 27.11 18.94
N GLU A 237 23.01 27.05 20.26
CA GLU A 237 22.68 25.84 20.99
C GLU A 237 21.16 25.62 21.02
N GLU A 238 20.39 26.72 21.03
CA GLU A 238 18.94 26.66 20.96
C GLU A 238 18.52 27.50 19.77
N PRO A 239 18.62 26.96 18.55
CA PRO A 239 18.21 27.73 17.37
C PRO A 239 16.74 28.06 17.42
N SER A 240 16.37 29.21 16.80
CA SER A 240 14.98 29.52 16.60
C SER A 240 14.36 28.58 15.56
N LEU A 241 13.04 28.61 15.47
CA LEU A 241 12.32 27.86 14.48
C LEU A 241 12.25 28.67 13.20
N SER A 242 12.66 28.07 12.07
CA SER A 242 12.48 28.67 10.75
C SER A 242 11.01 29.00 10.50
N ARG A 243 10.78 30.08 9.72
CA ARG A 243 9.45 30.40 9.24
C ARG A 243 8.86 29.25 8.40
N MET A 244 9.68 28.28 7.97
CA MET A 244 9.24 27.25 7.05
C MET A 244 8.57 26.06 7.77
N VAL A 245 8.74 25.94 9.09
CA VAL A 245 8.43 24.70 9.79
C VAL A 245 7.83 25.00 11.14
N THR A 246 6.98 24.09 11.64
CA THR A 246 6.39 24.18 12.97
C THR A 246 7.18 23.29 13.90
N GLU A 247 7.05 23.53 15.22
CA GLU A 247 7.68 22.70 16.23
C GLU A 247 7.23 21.24 16.06
N GLU A 248 5.94 21.08 15.75
CA GLU A 248 5.36 19.74 15.64
C GLU A 248 6.02 19.02 14.45
N GLU A 249 6.22 19.75 13.35
CA GLU A 249 6.86 19.13 12.20
C GLU A 249 8.30 18.73 12.52
N ILE A 250 9.04 19.59 13.23
CA ILE A 250 10.39 19.24 13.65
C ILE A 250 10.35 17.96 14.50
N GLN A 251 9.35 17.88 15.39
CA GLN A 251 9.27 16.75 16.29
C GLN A 251 9.02 15.44 15.54
N PHE A 252 8.33 15.52 14.38
CA PHE A 252 8.13 14.32 13.58
C PHE A 252 9.51 13.81 13.11
N TYR A 253 10.37 14.70 12.59
CA TYR A 253 11.70 14.29 12.14
C TYR A 253 12.48 13.68 13.30
N VAL A 254 12.41 14.36 14.46
CA VAL A 254 13.11 13.84 15.62
C VAL A 254 12.70 12.40 15.91
N GLN A 255 11.40 12.14 16.00
N GLN A 255 11.40 12.15 15.93
CA GLN A 255 10.94 10.78 16.27
CA GLN A 255 10.93 10.82 16.30
C GLN A 255 11.53 9.83 15.22
C GLN A 255 11.28 9.78 15.22
N GLN A 256 11.40 10.21 13.95
CA GLN A 256 11.80 9.29 12.90
C GLN A 256 13.27 8.91 13.05
N PHE A 257 14.17 9.88 13.36
CA PHE A 257 15.58 9.64 13.39
C PHE A 257 16.02 8.96 14.71
N LYS A 258 15.07 8.79 15.66
CA LYS A 258 15.34 7.97 16.82
C LYS A 258 15.43 6.49 16.43
N LYS A 259 14.86 6.08 15.28
CA LYS A 259 14.73 4.66 14.96
C LYS A 259 16.09 4.09 14.59
N SER A 260 16.83 4.74 13.69
CA SER A 260 18.08 4.22 13.14
C SER A 260 19.20 5.27 13.16
N GLY A 261 18.92 6.55 13.49
CA GLY A 261 19.98 7.55 13.52
C GLY A 261 20.52 7.90 12.13
N PHE A 262 21.78 8.30 12.06
CA PHE A 262 22.31 8.96 10.88
C PHE A 262 23.29 8.16 10.06
N ARG A 263 23.64 6.92 10.48
CA ARG A 263 24.60 6.15 9.75
C ARG A 263 24.14 5.84 8.31
N GLY A 264 22.95 5.25 8.21
CA GLY A 264 22.40 4.89 6.91
C GLY A 264 22.30 6.13 6.01
N PRO A 265 21.65 7.19 6.54
CA PRO A 265 21.60 8.43 5.76
C PRO A 265 22.96 8.96 5.28
N LEU A 266 23.94 9.02 6.19
CA LEU A 266 25.25 9.49 5.84
C LEU A 266 25.94 8.56 4.84
N ASN A 267 25.63 7.26 4.91
CA ASN A 267 26.23 6.33 3.98
C ASN A 267 25.95 6.67 2.51
N TRP A 268 24.85 7.40 2.27
CA TRP A 268 24.61 7.80 0.89
C TRP A 268 25.75 8.63 0.30
N TYR A 269 26.47 9.37 1.17
CA TYR A 269 27.59 10.19 0.77
C TYR A 269 28.93 9.45 0.65
N ARG A 270 28.96 8.19 1.06
CA ARG A 270 30.22 7.44 1.26
C ARG A 270 30.49 6.42 0.16
N ASN A 271 29.90 6.62 -1.03
CA ASN A 271 30.03 5.69 -2.13
C ASN A 271 30.42 6.42 -3.41
N MET A 272 31.20 7.52 -3.32
CA MET A 272 31.45 8.33 -4.51
C MET A 272 32.20 7.53 -5.57
N GLU A 273 33.25 6.79 -5.20
CA GLU A 273 34.04 6.09 -6.21
C GLU A 273 33.18 5.00 -6.86
N ARG A 274 32.48 4.26 -6.00
CA ARG A 274 31.65 3.17 -6.44
C ARG A 274 30.58 3.69 -7.41
N ASN A 275 29.99 4.84 -7.06
CA ASN A 275 28.94 5.40 -7.89
C ASN A 275 29.48 5.86 -9.25
N TRP A 276 30.66 6.46 -9.22
CA TRP A 276 31.32 6.90 -10.44
C TRP A 276 31.63 5.74 -11.38
N LYS A 277 32.17 4.65 -10.83
CA LYS A 277 32.50 3.48 -11.64
C LYS A 277 31.24 2.92 -12.29
N TRP A 278 30.13 2.84 -11.54
CA TRP A 278 28.85 2.39 -12.09
C TRP A 278 28.38 3.35 -13.18
N ALA A 279 28.35 4.65 -12.86
CA ALA A 279 27.89 5.63 -13.85
C ALA A 279 28.66 5.55 -15.17
N CYS A 280 29.97 5.29 -15.10
CA CYS A 280 30.78 5.14 -16.30
C CYS A 280 30.23 4.04 -17.23
N LYS A 281 29.53 3.04 -16.70
CA LYS A 281 29.02 1.96 -17.55
C LYS A 281 27.92 2.42 -18.50
N SER A 282 27.40 3.65 -18.35
CA SER A 282 26.33 4.07 -19.23
C SER A 282 26.85 4.32 -20.66
N LEU A 283 28.18 4.44 -20.83
CA LEU A 283 28.77 4.63 -22.15
C LEU A 283 28.25 5.95 -22.69
N GLY A 284 27.93 6.07 -23.97
CA GLY A 284 27.50 7.41 -24.38
C GLY A 284 26.04 7.75 -24.02
N ARG A 285 25.28 6.85 -23.35
CA ARG A 285 23.88 6.78 -23.70
C ARG A 285 23.17 8.02 -23.16
N LYS A 286 22.15 8.42 -23.88
CA LYS A 286 21.31 9.52 -23.44
C LYS A 286 20.13 8.98 -22.65
N ILE A 287 19.43 9.90 -21.97
CA ILE A 287 18.18 9.63 -21.34
C ILE A 287 17.08 10.14 -22.28
N LEU A 288 16.27 9.25 -22.82
CA LEU A 288 15.37 9.55 -23.91
C LEU A 288 13.91 9.64 -23.47
N ILE A 289 13.58 9.41 -22.18
CA ILE A 289 12.24 9.57 -21.67
C ILE A 289 11.94 11.03 -21.29
N PRO A 290 10.67 11.35 -21.04
CA PRO A 290 10.29 12.70 -20.64
C PRO A 290 10.97 13.01 -19.31
N ALA A 291 11.52 14.21 -19.21
CA ALA A 291 12.30 14.60 -18.06
C ALA A 291 12.06 16.06 -17.70
N LEU A 292 12.20 16.39 -16.40
CA LEU A 292 11.97 17.74 -15.90
C LEU A 292 13.08 18.04 -14.88
N MET A 293 13.75 19.18 -15.05
CA MET A 293 14.76 19.66 -14.10
C MET A 293 14.25 20.94 -13.50
N VAL A 294 14.07 20.99 -12.19
CA VAL A 294 13.60 22.17 -11.50
C VAL A 294 14.76 22.72 -10.68
N THR A 295 15.16 23.98 -10.92
CA THR A 295 16.24 24.63 -10.19
C THR A 295 15.68 25.57 -9.13
N ALA A 296 16.48 25.76 -8.08
CA ALA A 296 16.13 26.59 -6.94
C ALA A 296 17.16 27.71 -6.79
N GLU A 297 16.72 28.96 -6.91
CA GLU A 297 17.61 30.10 -7.02
C GLU A 297 18.58 30.20 -5.84
N LYS A 298 18.14 29.87 -4.64
CA LYS A 298 18.89 30.13 -3.41
C LYS A 298 19.45 28.84 -2.84
N ASP A 299 19.51 27.75 -3.61
CA ASP A 299 20.25 26.57 -3.19
C ASP A 299 21.71 26.83 -3.50
N PHE A 300 22.56 27.07 -2.49
CA PHE A 300 23.92 27.48 -2.72
C PHE A 300 24.90 26.30 -2.81
N VAL A 301 24.39 25.06 -2.65
CA VAL A 301 25.17 23.86 -2.94
C VAL A 301 24.83 23.32 -4.34
N LEU A 302 23.54 22.99 -4.52
CA LEU A 302 23.03 22.48 -5.79
C LEU A 302 22.54 23.68 -6.58
N VAL A 303 23.50 24.41 -7.15
CA VAL A 303 23.16 25.70 -7.71
C VAL A 303 22.52 25.50 -9.09
N PRO A 304 21.66 26.43 -9.57
CA PRO A 304 21.06 26.23 -10.89
C PRO A 304 22.06 25.99 -12.02
N GLN A 305 23.19 26.69 -12.00
CA GLN A 305 24.16 26.61 -13.08
C GLN A 305 24.69 25.20 -13.27
N MET A 306 24.68 24.36 -12.22
CA MET A 306 25.15 22.99 -12.31
C MET A 306 24.32 22.16 -13.27
N SER A 307 23.12 22.63 -13.61
CA SER A 307 22.24 21.96 -14.55
C SER A 307 22.48 22.37 -16.01
N GLN A 308 23.31 23.40 -16.24
CA GLN A 308 23.57 23.90 -17.58
C GLN A 308 23.93 22.73 -18.53
N HIS A 309 23.34 22.76 -19.72
CA HIS A 309 23.72 21.81 -20.78
C HIS A 309 23.25 20.38 -20.52
N MET A 310 22.30 20.19 -19.62
CA MET A 310 21.72 18.87 -19.43
C MET A 310 21.01 18.42 -20.70
N GLU A 311 20.50 19.36 -21.50
CA GLU A 311 19.83 19.02 -22.74
C GLU A 311 20.77 18.29 -23.70
N ASP A 312 22.09 18.34 -23.51
CA ASP A 312 23.04 17.61 -24.37
C ASP A 312 22.88 16.10 -24.20
N TRP A 313 22.39 15.67 -23.05
CA TRP A 313 22.28 14.26 -22.64
C TRP A 313 20.84 13.82 -22.52
N ILE A 314 19.89 14.76 -22.53
CA ILE A 314 18.49 14.51 -22.23
C ILE A 314 17.64 15.27 -23.22
N PRO A 315 17.44 14.74 -24.43
CA PRO A 315 16.82 15.53 -25.51
C PRO A 315 15.41 16.03 -25.24
N HIS A 316 14.62 15.38 -24.40
CA HIS A 316 13.24 15.77 -24.09
C HIS A 316 13.19 16.47 -22.73
N LEU A 317 14.25 17.18 -22.33
CA LEU A 317 14.22 17.89 -21.07
C LEU A 317 13.28 19.08 -21.10
N LYS A 318 12.48 19.19 -20.05
CA LYS A 318 11.75 20.41 -19.73
C LYS A 318 12.31 21.00 -18.45
N ARG A 319 12.06 22.29 -18.17
CA ARG A 319 12.63 22.98 -17.04
C ARG A 319 11.55 23.71 -16.25
N GLY A 320 11.86 23.89 -14.98
CA GLY A 320 11.22 24.87 -14.15
C GLY A 320 12.31 25.50 -13.27
N HIS A 321 11.95 26.63 -12.69
CA HIS A 321 12.86 27.40 -11.88
C HIS A 321 12.07 28.11 -10.81
N ILE A 322 12.52 28.01 -9.56
CA ILE A 322 11.78 28.60 -8.46
C ILE A 322 12.64 29.69 -7.82
N GLU A 323 12.15 30.93 -7.89
CA GLU A 323 12.79 32.07 -7.25
C GLU A 323 12.57 32.01 -5.75
N ASP A 324 13.49 32.64 -5.04
CA ASP A 324 13.37 32.83 -3.62
C ASP A 324 13.25 31.49 -2.88
N CYS A 325 13.94 30.48 -3.41
CA CYS A 325 13.81 29.10 -2.95
C CYS A 325 15.18 28.54 -2.65
N GLY A 326 15.37 28.09 -1.41
CA GLY A 326 16.61 27.49 -0.93
C GLY A 326 16.63 25.98 -1.15
N HIS A 327 17.44 25.28 -0.38
CA HIS A 327 17.64 23.87 -0.61
C HIS A 327 16.38 23.06 -0.33
N TRP A 328 15.54 23.41 0.61
CA TRP A 328 14.44 22.59 1.12
C TRP A 328 13.19 22.89 0.31
N THR A 329 13.30 22.56 -1.00
CA THR A 329 12.42 23.13 -1.99
C THR A 329 10.94 22.89 -1.64
N GLN A 330 10.57 21.67 -1.28
CA GLN A 330 9.17 21.29 -1.11
C GLN A 330 8.48 22.07 -0.01
N MET A 331 9.23 22.41 1.06
CA MET A 331 8.63 23.15 2.15
C MET A 331 8.88 24.64 2.05
N ASP A 332 9.87 25.06 1.28
CA ASP A 332 10.14 26.50 1.10
C ASP A 332 9.06 27.08 0.18
N LYS A 333 8.78 26.41 -0.95
CA LYS A 333 7.87 26.90 -1.99
C LYS A 333 6.91 25.80 -2.47
N PRO A 334 6.10 25.27 -1.52
CA PRO A 334 5.26 24.13 -1.85
C PRO A 334 4.27 24.43 -2.95
N THR A 335 3.64 25.59 -2.96
CA THR A 335 2.65 25.92 -3.99
C THR A 335 3.28 25.94 -5.38
N GLU A 336 4.46 26.52 -5.51
CA GLU A 336 5.19 26.59 -6.76
C GLU A 336 5.61 25.21 -7.22
N VAL A 337 6.17 24.40 -6.31
CA VAL A 337 6.49 23.02 -6.66
C VAL A 337 5.26 22.30 -7.20
N ASN A 338 4.15 22.40 -6.50
CA ASN A 338 2.93 21.68 -6.88
C ASN A 338 2.52 22.13 -8.29
N GLN A 339 2.55 23.43 -8.58
CA GLN A 339 2.08 23.92 -9.86
C GLN A 339 2.97 23.38 -10.97
N ILE A 340 4.29 23.47 -10.79
CA ILE A 340 5.24 23.01 -11.78
C ILE A 340 5.06 21.51 -12.01
N LEU A 341 4.96 20.71 -10.95
CA LEU A 341 4.91 19.28 -11.16
C LEU A 341 3.62 18.86 -11.84
N ILE A 342 2.49 19.43 -11.40
CA ILE A 342 1.20 19.07 -11.99
C ILE A 342 1.12 19.46 -13.46
N LYS A 343 1.59 20.64 -13.83
CA LYS A 343 1.56 21.04 -15.23
C LYS A 343 2.40 20.08 -16.05
N TRP A 344 3.59 19.70 -15.56
CA TRP A 344 4.47 18.79 -16.30
C TRP A 344 3.88 17.38 -16.35
N LEU A 345 3.34 16.88 -15.24
CA LEU A 345 2.75 15.54 -15.22
C LEU A 345 1.61 15.48 -16.24
N ASP A 346 0.75 16.48 -16.25
CA ASP A 346 -0.43 16.45 -17.11
C ASP A 346 -0.03 16.52 -18.56
N SER A 347 1.07 17.22 -18.90
CA SER A 347 1.45 17.34 -20.29
C SER A 347 2.34 16.20 -20.79
N ASP A 348 3.16 15.60 -19.89
CA ASP A 348 4.29 14.76 -20.29
C ASP A 348 4.30 13.37 -19.65
N ALA A 349 3.47 13.13 -18.62
CA ALA A 349 3.47 11.84 -17.95
C ALA A 349 2.19 11.05 -18.14
N ARG A 350 1.09 11.73 -18.51
N ARG A 350 1.09 11.74 -18.48
CA ARG A 350 -0.19 11.09 -18.72
CA ARG A 350 -0.18 11.08 -18.73
C ARG A 350 -0.48 11.10 -20.23
C ARG A 350 -0.44 11.09 -20.24
N ASN A 351 -0.84 9.92 -20.76
CA ASN A 351 -1.04 9.74 -22.19
C ASN A 351 -2.20 8.76 -22.43
N LEU B 31 -2.33 -24.91 -12.43
CA LEU B 31 -3.10 -23.92 -11.64
C LEU B 31 -2.61 -22.52 -11.99
N PRO B 32 -3.43 -21.47 -11.77
CA PRO B 32 -2.99 -20.09 -11.96
C PRO B 32 -1.85 -19.77 -11.01
N THR B 33 -1.08 -18.74 -11.38
CA THR B 33 -0.07 -18.21 -10.50
C THR B 33 -0.72 -17.88 -9.16
N SER B 34 0.00 -18.16 -8.10
CA SER B 34 -0.43 -17.87 -6.74
C SER B 34 0.38 -16.70 -6.17
N CYS B 35 0.27 -16.52 -4.87
CA CYS B 35 1.01 -15.47 -4.15
C CYS B 35 1.86 -16.05 -3.04
N ASN B 36 3.06 -15.51 -2.90
CA ASN B 36 3.94 -15.76 -1.78
C ASN B 36 3.79 -14.55 -0.85
N PRO B 37 3.29 -14.70 0.40
CA PRO B 37 3.09 -13.55 1.29
C PRO B 37 4.28 -12.59 1.42
N SER B 38 5.49 -13.17 1.52
N SER B 38 5.52 -13.11 1.49
CA SER B 38 6.73 -12.45 1.68
CA SER B 38 6.68 -12.26 1.74
C SER B 38 6.97 -11.45 0.55
C SER B 38 7.13 -11.52 0.48
N ASP B 39 6.50 -11.80 -0.66
CA ASP B 39 6.78 -11.06 -1.89
C ASP B 39 5.69 -10.04 -2.23
N MET B 40 4.74 -9.81 -1.31
CA MET B 40 3.64 -8.89 -1.55
C MET B 40 3.93 -7.53 -0.91
N SER B 41 3.28 -6.52 -1.47
CA SER B 41 3.19 -5.23 -0.79
C SER B 41 2.09 -5.34 0.26
N HIS B 42 2.41 -5.00 1.52
CA HIS B 42 1.49 -5.07 2.63
C HIS B 42 1.14 -3.66 3.11
N GLY B 43 -0.15 -3.34 3.09
CA GLY B 43 -0.63 -2.02 3.43
C GLY B 43 -1.43 -2.08 4.72
N TYR B 44 -1.42 -0.94 5.42
CA TYR B 44 -2.07 -0.74 6.71
C TYR B 44 -2.75 0.62 6.73
N VAL B 45 -4.07 0.65 7.02
CA VAL B 45 -4.84 1.87 7.17
C VAL B 45 -5.54 1.83 8.52
N THR B 46 -5.32 2.87 9.31
CA THR B 46 -6.01 3.01 10.58
C THR B 46 -7.32 3.72 10.29
N VAL B 47 -8.44 3.00 10.41
CA VAL B 47 -9.72 3.60 10.08
C VAL B 47 -10.32 4.26 11.31
N LYS B 48 -9.96 3.76 12.50
CA LYS B 48 -10.40 4.32 13.77
C LYS B 48 -9.25 4.10 14.73
N PRO B 49 -9.13 4.78 15.89
CA PRO B 49 -8.04 4.44 16.82
C PRO B 49 -7.86 2.97 17.19
N ARG B 50 -8.98 2.24 17.31
N ARG B 50 -8.96 2.20 17.34
CA ARG B 50 -8.95 0.84 17.69
CA ARG B 50 -8.86 0.79 17.71
C ARG B 50 -8.73 -0.13 16.52
C ARG B 50 -8.93 -0.18 16.52
N VAL B 51 -8.92 0.32 15.27
CA VAL B 51 -9.08 -0.55 14.11
C VAL B 51 -8.14 -0.12 12.98
N ARG B 52 -7.17 -1.02 12.74
CA ARG B 52 -6.28 -0.90 11.58
C ARG B 52 -6.57 -2.06 10.66
N LEU B 53 -6.79 -1.78 9.38
CA LEU B 53 -7.02 -2.80 8.38
C LEU B 53 -5.75 -3.01 7.57
N HIS B 54 -5.44 -4.29 7.42
CA HIS B 54 -4.32 -4.79 6.61
C HIS B 54 -4.84 -5.30 5.27
N PHE B 55 -4.07 -5.07 4.20
CA PHE B 55 -4.37 -5.57 2.87
C PHE B 55 -3.06 -5.84 2.14
N VAL B 56 -3.14 -6.60 1.05
CA VAL B 56 -2.07 -6.74 0.10
C VAL B 56 -2.50 -6.06 -1.20
N GLU B 57 -1.51 -5.49 -1.93
CA GLU B 57 -1.80 -4.68 -3.11
C GLU B 57 -0.88 -5.11 -4.25
N LEU B 58 -1.49 -5.30 -5.44
CA LEU B 58 -0.73 -5.75 -6.60
C LEU B 58 -1.35 -5.18 -7.84
N GLY B 59 -0.52 -4.57 -8.74
CA GLY B 59 -1.02 -4.14 -10.05
C GLY B 59 -1.29 -2.64 -10.11
N SER B 60 -1.54 -2.21 -11.36
CA SER B 60 -1.93 -0.85 -11.70
C SER B 60 -3.24 -0.87 -12.45
N GLY B 61 -3.98 0.25 -12.42
CA GLY B 61 -5.24 0.33 -13.14
C GLY B 61 -6.40 0.58 -12.16
N PRO B 62 -7.65 0.41 -12.62
CA PRO B 62 -8.82 0.67 -11.76
C PRO B 62 -8.74 -0.20 -10.51
N ALA B 63 -9.08 0.38 -9.36
CA ALA B 63 -9.04 -0.29 -8.06
C ALA B 63 -10.15 -1.32 -7.92
N VAL B 64 -9.72 -2.50 -7.45
CA VAL B 64 -10.59 -3.64 -7.20
C VAL B 64 -10.29 -4.15 -5.82
N CYS B 65 -11.31 -4.13 -4.95
CA CYS B 65 -11.16 -4.52 -3.56
C CYS B 65 -11.80 -5.88 -3.37
N LEU B 66 -10.97 -6.84 -2.91
CA LEU B 66 -11.40 -8.22 -2.67
C LEU B 66 -11.67 -8.40 -1.18
N CYS B 67 -12.87 -8.96 -0.89
CA CYS B 67 -13.36 -9.12 0.50
C CYS B 67 -13.69 -10.59 0.79
N HIS B 68 -12.86 -11.28 1.59
CA HIS B 68 -13.04 -12.72 1.85
C HIS B 68 -14.17 -12.98 2.85
N GLY B 69 -14.40 -14.29 3.01
CA GLY B 69 -15.47 -14.75 3.88
C GLY B 69 -14.96 -15.39 5.17
N PHE B 70 -15.85 -16.18 5.80
CA PHE B 70 -15.51 -16.82 7.06
C PHE B 70 -15.14 -18.29 6.85
N PRO B 71 -14.08 -18.82 7.48
CA PRO B 71 -13.03 -18.10 8.19
C PRO B 71 -11.75 -18.05 7.36
N GLU B 72 -11.54 -16.94 6.63
CA GLU B 72 -10.53 -16.98 5.59
C GLU B 72 -9.53 -15.87 5.83
N SER B 73 -9.03 -15.32 4.73
CA SER B 73 -7.82 -14.50 4.74
C SER B 73 -7.75 -13.79 3.41
N TRP B 74 -6.94 -12.71 3.32
CA TRP B 74 -6.62 -12.17 1.99
C TRP B 74 -6.13 -13.29 1.07
N TYR B 75 -5.44 -14.25 1.67
CA TYR B 75 -4.77 -15.32 0.95
C TYR B 75 -5.73 -16.29 0.26
N SER B 76 -7.00 -16.26 0.66
CA SER B 76 -8.03 -16.99 -0.07
C SER B 76 -8.20 -16.51 -1.52
N TRP B 77 -7.69 -15.29 -1.82
CA TRP B 77 -7.70 -14.76 -3.18
C TRP B 77 -6.39 -14.96 -3.90
N ARG B 78 -5.49 -15.78 -3.38
CA ARG B 78 -4.15 -15.99 -3.94
C ARG B 78 -4.12 -16.30 -5.43
N TYR B 79 -5.11 -16.99 -6.00
CA TYR B 79 -5.12 -17.29 -7.42
C TYR B 79 -5.75 -16.18 -8.24
N GLN B 80 -6.50 -15.28 -7.61
CA GLN B 80 -7.11 -14.18 -8.32
C GLN B 80 -6.20 -12.94 -8.36
N ILE B 81 -5.38 -12.72 -7.34
CA ILE B 81 -4.67 -11.46 -7.24
C ILE B 81 -3.71 -11.31 -8.43
N PRO B 82 -2.84 -12.29 -8.75
CA PRO B 82 -1.95 -12.12 -9.88
C PRO B 82 -2.72 -12.01 -11.18
N ALA B 83 -3.76 -12.81 -11.41
CA ALA B 83 -4.54 -12.77 -12.63
C ALA B 83 -5.18 -11.41 -12.88
N LEU B 84 -5.78 -10.86 -11.83
N LEU B 84 -5.82 -10.81 -11.87
CA LEU B 84 -6.46 -9.57 -11.93
CA LEU B 84 -6.47 -9.52 -12.07
C LEU B 84 -5.46 -8.45 -12.19
C LEU B 84 -5.42 -8.42 -12.26
N ALA B 85 -4.33 -8.50 -11.53
CA ALA B 85 -3.23 -7.55 -11.76
C ALA B 85 -2.74 -7.63 -13.21
N GLN B 86 -2.59 -8.83 -13.73
N GLN B 86 -2.51 -8.85 -13.70
CA GLN B 86 -2.09 -8.96 -15.09
CA GLN B 86 -2.08 -9.08 -15.09
C GLN B 86 -3.12 -8.51 -16.10
C GLN B 86 -3.10 -8.53 -16.08
N ALA B 87 -4.40 -8.63 -15.76
CA ALA B 87 -5.47 -8.16 -16.62
C ALA B 87 -5.59 -6.64 -16.64
N GLY B 88 -4.83 -5.94 -15.80
CA GLY B 88 -4.80 -4.48 -15.81
C GLY B 88 -5.60 -3.79 -14.70
N TYR B 89 -5.63 -4.45 -13.52
CA TYR B 89 -6.29 -3.90 -12.34
C TYR B 89 -5.34 -3.73 -11.18
N ARG B 90 -5.68 -2.73 -10.34
CA ARG B 90 -5.01 -2.50 -9.07
C ARG B 90 -5.80 -3.26 -7.99
N VAL B 91 -5.21 -4.35 -7.49
CA VAL B 91 -5.95 -5.26 -6.62
C VAL B 91 -5.58 -4.95 -5.19
N LEU B 92 -6.60 -4.77 -4.34
CA LEU B 92 -6.39 -4.63 -2.91
C LEU B 92 -7.14 -5.78 -2.25
N ALA B 93 -6.40 -6.70 -1.69
CA ALA B 93 -7.03 -7.89 -1.07
C ALA B 93 -6.95 -7.73 0.44
N MET B 94 -8.13 -7.58 1.10
CA MET B 94 -8.21 -7.25 2.52
C MET B 94 -8.00 -8.48 3.41
N ASP B 95 -7.36 -8.28 4.56
CA ASP B 95 -7.76 -9.02 5.74
C ASP B 95 -8.96 -8.29 6.32
N MET B 96 -10.14 -8.95 6.36
CA MET B 96 -11.33 -8.29 6.89
C MET B 96 -11.18 -8.14 8.41
N LYS B 97 -11.96 -7.21 8.94
CA LYS B 97 -11.89 -6.95 10.38
C LYS B 97 -12.09 -8.27 11.12
N GLY B 98 -11.22 -8.52 12.11
CA GLY B 98 -11.23 -9.75 12.86
C GLY B 98 -10.17 -10.77 12.46
N TYR B 99 -9.50 -10.59 11.31
CA TYR B 99 -8.66 -11.58 10.70
C TYR B 99 -7.21 -11.13 10.51
N GLY B 100 -6.30 -12.08 10.58
CA GLY B 100 -4.94 -11.88 10.12
C GLY B 100 -4.27 -10.70 10.82
N GLU B 101 -3.76 -9.76 10.03
CA GLU B 101 -3.06 -8.64 10.62
C GLU B 101 -4.01 -7.47 10.86
N SER B 102 -5.29 -7.60 10.51
CA SER B 102 -6.24 -6.57 10.83
C SER B 102 -6.65 -6.64 12.30
N SER B 103 -7.07 -5.50 12.84
CA SER B 103 -7.50 -5.47 14.24
C SER B 103 -8.66 -6.44 14.46
N ALA B 104 -8.74 -6.96 15.72
CA ALA B 104 -9.79 -7.88 16.13
C ALA B 104 -10.33 -7.43 17.49
N PRO B 105 -11.05 -6.30 17.58
CA PRO B 105 -11.63 -5.87 18.87
C PRO B 105 -12.62 -6.96 19.28
N PRO B 106 -12.70 -7.26 20.60
CA PRO B 106 -13.57 -8.35 21.05
C PRO B 106 -15.09 -8.14 21.03
N GLU B 107 -15.55 -6.87 20.99
CA GLU B 107 -16.97 -6.55 21.10
C GLU B 107 -17.73 -7.01 19.86
N ILE B 108 -18.87 -7.67 20.08
CA ILE B 108 -19.74 -8.18 19.04
C ILE B 108 -20.19 -7.07 18.09
N GLU B 109 -20.64 -5.93 18.62
CA GLU B 109 -21.21 -4.82 17.88
C GLU B 109 -20.21 -4.24 16.85
N GLU B 110 -18.92 -4.48 17.09
CA GLU B 110 -17.89 -3.97 16.16
C GLU B 110 -17.97 -4.68 14.81
N TYR B 111 -18.73 -5.79 14.70
CA TYR B 111 -18.81 -6.60 13.49
C TYR B 111 -20.21 -6.61 12.86
N CYS B 112 -21.11 -5.67 13.19
CA CYS B 112 -22.31 -5.52 12.41
C CYS B 112 -21.98 -4.88 11.07
N MET B 113 -22.84 -5.07 10.08
CA MET B 113 -22.58 -4.58 8.74
C MET B 113 -22.50 -3.05 8.74
N GLU B 114 -23.30 -2.37 9.54
CA GLU B 114 -23.31 -0.91 9.49
C GLU B 114 -21.92 -0.38 9.81
N VAL B 115 -21.27 -0.93 10.85
CA VAL B 115 -19.94 -0.55 11.24
C VAL B 115 -18.90 -0.98 10.20
N LEU B 116 -18.99 -2.23 9.77
CA LEU B 116 -18.04 -2.74 8.78
C LEU B 116 -18.04 -1.95 7.49
N CYS B 117 -19.22 -1.59 6.99
CA CYS B 117 -19.35 -0.78 5.78
C CYS B 117 -18.80 0.63 5.98
N LYS B 118 -19.07 1.26 7.13
CA LYS B 118 -18.53 2.60 7.38
C LYS B 118 -16.99 2.57 7.37
N GLU B 119 -16.45 1.51 7.94
CA GLU B 119 -15.00 1.37 8.01
C GLU B 119 -14.41 1.22 6.61
N MET B 120 -15.11 0.48 5.73
CA MET B 120 -14.59 0.31 4.38
C MET B 120 -14.63 1.64 3.63
N VAL B 121 -15.64 2.48 3.83
CA VAL B 121 -15.65 3.81 3.26
C VAL B 121 -14.46 4.63 3.77
N THR B 122 -14.21 4.57 5.08
CA THR B 122 -13.08 5.31 5.62
C THR B 122 -11.77 4.80 5.00
N PHE B 123 -11.68 3.48 4.78
CA PHE B 123 -10.51 2.90 4.13
C PHE B 123 -10.27 3.54 2.78
N LEU B 124 -11.33 3.63 1.96
CA LEU B 124 -11.22 4.29 0.67
C LEU B 124 -10.81 5.74 0.84
N ASP B 125 -11.38 6.46 1.80
CA ASP B 125 -11.04 7.86 2.02
C ASP B 125 -9.54 8.04 2.32
N LYS B 126 -9.03 7.20 3.20
CA LYS B 126 -7.66 7.35 3.66
C LYS B 126 -6.69 6.99 2.54
N LEU B 127 -7.08 6.04 1.68
CA LEU B 127 -6.25 5.73 0.53
C LEU B 127 -6.41 6.72 -0.60
N GLY B 128 -7.35 7.67 -0.49
CA GLY B 128 -7.61 8.60 -1.54
C GLY B 128 -8.25 8.02 -2.78
N LEU B 129 -9.12 7.00 -2.59
CA LEU B 129 -9.89 6.42 -3.69
C LEU B 129 -11.34 6.88 -3.70
N SER B 130 -11.77 7.49 -4.81
N SER B 130 -11.79 7.51 -4.79
CA SER B 130 -13.14 7.96 -4.99
CA SER B 130 -13.18 7.94 -4.88
C SER B 130 -14.12 6.81 -5.09
C SER B 130 -14.12 6.75 -4.88
N GLN B 131 -13.71 5.76 -5.80
N GLN B 131 -13.68 5.68 -5.54
CA GLN B 131 -14.50 4.54 -5.89
CA GLN B 131 -14.51 4.51 -5.75
C GLN B 131 -13.55 3.33 -5.96
C GLN B 131 -13.60 3.33 -6.05
N ALA B 132 -14.13 2.13 -5.77
CA ALA B 132 -13.49 0.89 -6.15
C ALA B 132 -14.56 -0.05 -6.67
N VAL B 133 -14.12 -1.05 -7.42
CA VAL B 133 -14.92 -2.24 -7.66
C VAL B 133 -14.79 -3.11 -6.42
N PHE B 134 -15.92 -3.62 -5.91
CA PHE B 134 -15.90 -4.45 -4.72
C PHE B 134 -16.35 -5.86 -5.11
N ILE B 135 -15.55 -6.85 -4.74
CA ILE B 135 -15.80 -8.25 -5.08
C ILE B 135 -15.72 -8.99 -3.77
N GLY B 136 -16.77 -9.74 -3.41
CA GLY B 136 -16.75 -10.43 -2.14
C GLY B 136 -17.18 -11.90 -2.26
N HIS B 137 -16.78 -12.68 -1.27
CA HIS B 137 -17.25 -14.06 -1.17
C HIS B 137 -17.82 -14.28 0.21
N ASP B 138 -18.93 -15.06 0.31
CA ASP B 138 -19.43 -15.43 1.64
C ASP B 138 -19.82 -14.18 2.43
N TRP B 139 -19.34 -14.05 3.69
CA TRP B 139 -19.58 -12.85 4.49
C TRP B 139 -19.06 -11.57 3.82
N GLY B 140 -17.98 -11.71 3.05
CA GLY B 140 -17.45 -10.63 2.24
C GLY B 140 -18.42 -10.21 1.14
N GLY B 141 -19.15 -11.19 0.59
CA GLY B 141 -20.17 -10.95 -0.42
C GLY B 141 -21.32 -10.16 0.14
N MET B 142 -21.77 -10.52 1.35
N MET B 142 -21.78 -10.50 1.36
CA MET B 142 -22.83 -9.77 2.01
CA MET B 142 -22.86 -9.73 1.96
C MET B 142 -22.41 -8.32 2.19
C MET B 142 -22.41 -8.29 2.18
N LEU B 143 -21.17 -8.12 2.64
CA LEU B 143 -20.63 -6.78 2.86
C LEU B 143 -20.67 -5.95 1.56
N VAL B 144 -20.20 -6.53 0.44
CA VAL B 144 -20.12 -5.75 -0.77
C VAL B 144 -21.52 -5.41 -1.28
N TRP B 145 -22.51 -6.29 -1.04
CA TRP B 145 -23.88 -5.93 -1.42
C TRP B 145 -24.36 -4.69 -0.66
N TYR B 146 -24.06 -4.62 0.62
N TYR B 146 -24.10 -4.67 0.65
CA TYR B 146 -24.56 -3.49 1.40
CA TYR B 146 -24.49 -3.56 1.50
C TYR B 146 -23.70 -2.26 1.15
C TYR B 146 -23.76 -2.30 1.03
N MET B 147 -22.48 -2.44 0.67
CA MET B 147 -21.69 -1.30 0.19
C MET B 147 -22.38 -0.68 -1.02
N ALA B 148 -22.81 -1.56 -1.95
CA ALA B 148 -23.45 -1.10 -3.16
C ALA B 148 -24.78 -0.42 -2.85
N LEU B 149 -25.50 -0.94 -1.85
CA LEU B 149 -26.83 -0.44 -1.48
C LEU B 149 -26.75 0.93 -0.81
N PHE B 150 -25.89 1.05 0.20
CA PHE B 150 -25.83 2.19 1.10
C PHE B 150 -24.75 3.18 0.73
N TYR B 151 -23.73 2.76 -0.06
CA TYR B 151 -22.66 3.67 -0.48
C TYR B 151 -22.42 3.55 -1.97
N PRO B 152 -23.46 3.65 -2.83
CA PRO B 152 -23.28 3.49 -4.26
C PRO B 152 -22.29 4.50 -4.86
N GLU B 153 -22.18 5.70 -4.28
CA GLU B 153 -21.26 6.69 -4.78
C GLU B 153 -19.81 6.23 -4.65
N ARG B 154 -19.52 5.24 -3.80
CA ARG B 154 -18.16 4.77 -3.64
C ARG B 154 -17.88 3.43 -4.34
N VAL B 155 -18.90 2.80 -4.90
CA VAL B 155 -18.77 1.49 -5.50
C VAL B 155 -18.96 1.58 -7.01
N ARG B 156 -17.91 1.31 -7.79
CA ARG B 156 -17.97 1.44 -9.24
C ARG B 156 -18.83 0.33 -9.83
N ALA B 157 -18.67 -0.86 -9.23
CA ALA B 157 -19.33 -2.08 -9.63
C ALA B 157 -19.15 -3.08 -8.48
N VAL B 158 -20.01 -4.10 -8.42
CA VAL B 158 -20.04 -5.04 -7.33
C VAL B 158 -20.22 -6.47 -7.87
N ALA B 159 -19.45 -7.40 -7.31
CA ALA B 159 -19.58 -8.79 -7.64
C ALA B 159 -19.56 -9.60 -6.37
N SER B 160 -20.39 -10.65 -6.34
CA SER B 160 -20.41 -11.56 -5.21
C SER B 160 -20.27 -13.00 -5.69
N LEU B 161 -19.43 -13.77 -4.99
CA LEU B 161 -19.29 -15.22 -5.13
C LEU B 161 -20.15 -15.86 -4.03
N ASN B 162 -21.16 -16.62 -4.47
CA ASN B 162 -21.98 -17.55 -3.66
C ASN B 162 -23.11 -16.79 -2.96
N THR B 163 -22.82 -15.65 -2.37
CA THR B 163 -23.76 -14.94 -1.52
C THR B 163 -24.74 -14.15 -2.38
N PRO B 164 -26.05 -14.44 -2.29
CA PRO B 164 -27.06 -13.60 -2.95
C PRO B 164 -27.34 -12.33 -2.17
N PHE B 165 -28.05 -11.42 -2.83
CA PHE B 165 -28.62 -10.30 -2.12
C PHE B 165 -30.12 -10.58 -2.00
N ILE B 166 -30.57 -10.85 -0.76
N ILE B 166 -30.62 -10.84 -0.79
CA ILE B 166 -31.97 -11.01 -0.39
CA ILE B 166 -32.05 -11.01 -0.60
C ILE B 166 -32.46 -9.70 0.22
C ILE B 166 -32.57 -9.84 0.23
N PRO B 167 -33.52 -9.03 -0.30
CA PRO B 167 -34.05 -7.86 0.42
C PRO B 167 -34.54 -8.20 1.83
N ALA B 168 -34.30 -7.30 2.80
CA ALA B 168 -34.73 -7.55 4.17
C ALA B 168 -36.25 -7.45 4.28
N ASN B 169 -36.86 -8.44 4.94
CA ASN B 169 -38.30 -8.47 5.11
C ASN B 169 -38.62 -7.91 6.49
N PRO B 170 -39.28 -6.73 6.55
CA PRO B 170 -39.60 -6.11 7.84
C PRO B 170 -40.55 -7.00 8.63
N ASN B 171 -41.39 -7.76 7.90
CA ASN B 171 -42.42 -8.58 8.51
C ASN B 171 -41.91 -10.00 8.72
N MET B 172 -40.58 -10.20 8.88
CA MET B 172 -40.02 -11.51 9.17
C MET B 172 -38.66 -11.39 9.84
N SER B 173 -38.53 -12.03 11.02
CA SER B 173 -37.36 -11.91 11.88
C SER B 173 -36.23 -12.81 11.38
N PRO B 174 -34.95 -12.52 11.74
CA PRO B 174 -33.82 -13.35 11.29
C PRO B 174 -33.68 -14.66 12.06
N LEU B 175 -34.39 -14.78 13.19
CA LEU B 175 -34.44 -16.02 13.93
C LEU B 175 -35.29 -17.04 13.15
N GLU B 176 -36.48 -16.61 12.71
CA GLU B 176 -37.41 -17.47 11.99
C GLU B 176 -36.82 -17.89 10.64
N SER B 177 -36.15 -16.95 9.95
CA SER B 177 -35.56 -17.26 8.66
C SER B 177 -34.58 -18.42 8.79
N ILE B 178 -33.68 -18.35 9.79
CA ILE B 178 -32.61 -19.32 9.93
C ILE B 178 -33.15 -20.62 10.51
N LYS B 179 -34.09 -20.52 11.47
CA LYS B 179 -34.63 -21.69 12.16
C LYS B 179 -35.32 -22.62 11.17
N ALA B 180 -36.02 -22.04 10.18
CA ALA B 180 -36.73 -22.80 9.18
C ALA B 180 -35.78 -23.77 8.47
N ASN B 181 -34.80 -23.23 7.74
CA ASN B 181 -33.85 -24.04 6.98
C ASN B 181 -32.90 -24.74 7.94
N PRO B 182 -32.91 -26.09 8.03
CA PRO B 182 -31.99 -26.82 8.91
C PRO B 182 -30.55 -26.90 8.38
N VAL B 183 -30.31 -26.34 7.18
CA VAL B 183 -28.97 -26.18 6.65
C VAL B 183 -28.26 -25.07 7.43
N PHE B 184 -29.05 -24.13 7.98
CA PHE B 184 -28.55 -22.97 8.69
C PHE B 184 -28.46 -23.20 10.20
N ASP B 185 -28.63 -24.45 10.66
CA ASP B 185 -28.69 -24.75 12.09
C ASP B 185 -27.39 -24.34 12.80
N TYR B 186 -26.25 -24.65 12.17
CA TYR B 186 -24.92 -24.38 12.74
C TYR B 186 -24.79 -22.89 13.11
N GLN B 187 -25.51 -22.00 12.41
CA GLN B 187 -25.41 -20.58 12.71
C GLN B 187 -25.87 -20.33 14.14
N LEU B 188 -26.75 -21.20 14.66
CA LEU B 188 -27.18 -21.10 16.04
C LEU B 188 -26.04 -21.51 16.97
N TYR B 189 -25.33 -22.58 16.61
CA TYR B 189 -24.20 -23.05 17.39
C TYR B 189 -23.17 -21.91 17.50
N PHE B 190 -23.10 -21.06 16.46
CA PHE B 190 -22.14 -19.98 16.42
C PHE B 190 -22.55 -18.80 17.30
N GLN B 191 -23.81 -18.73 17.77
CA GLN B 191 -24.34 -17.53 18.42
C GLN B 191 -23.74 -17.31 19.80
N GLU B 192 -23.57 -18.38 20.60
CA GLU B 192 -23.15 -18.27 22.00
C GLU B 192 -21.63 -17.98 22.12
N PRO B 193 -21.23 -16.75 22.53
CA PRO B 193 -19.82 -16.41 22.68
C PRO B 193 -18.95 -17.35 23.52
N GLY B 194 -17.88 -17.84 22.90
CA GLY B 194 -16.86 -18.65 23.57
C GLY B 194 -16.95 -20.12 23.17
N VAL B 195 -18.15 -20.57 22.78
CA VAL B 195 -18.41 -21.98 22.51
C VAL B 195 -17.70 -22.39 21.23
N ALA B 196 -18.25 -21.97 20.07
CA ALA B 196 -17.70 -22.32 18.76
C ALA B 196 -16.21 -21.97 18.67
N GLU B 197 -15.77 -20.93 19.38
CA GLU B 197 -14.36 -20.55 19.47
C GLU B 197 -13.50 -21.69 20.01
N ALA B 198 -14.05 -22.43 20.97
CA ALA B 198 -13.33 -23.53 21.59
C ALA B 198 -13.13 -24.70 20.62
N GLU B 199 -14.17 -25.03 19.85
CA GLU B 199 -14.06 -26.14 18.92
C GLU B 199 -13.02 -25.78 17.86
N LEU B 200 -13.03 -24.51 17.43
CA LEU B 200 -12.27 -24.11 16.26
C LEU B 200 -10.79 -23.85 16.53
N GLU B 201 -10.38 -23.45 17.75
CA GLU B 201 -9.02 -23.01 18.09
C GLU B 201 -8.18 -24.10 18.77
N GLN B 202 -8.83 -25.15 19.26
CA GLN B 202 -8.13 -26.23 19.94
C GLN B 202 -7.08 -26.86 19.03
N ASN B 203 -7.42 -27.05 17.75
CA ASN B 203 -6.53 -27.68 16.77
C ASN B 203 -6.70 -27.00 15.42
N LEU B 204 -5.84 -26.02 15.12
CA LEU B 204 -6.08 -25.17 13.96
C LEU B 204 -5.90 -25.95 12.65
N SER B 205 -4.93 -26.85 12.59
N SER B 205 -4.91 -26.85 12.60
CA SER B 205 -4.75 -27.65 11.40
CA SER B 205 -4.70 -27.68 11.43
C SER B 205 -6.00 -28.48 11.11
C SER B 205 -5.96 -28.49 11.12
N ARG B 206 -6.55 -29.10 12.16
CA ARG B 206 -7.75 -29.90 12.00
C ARG B 206 -8.90 -28.99 11.59
N THR B 207 -8.96 -27.79 12.16
CA THR B 207 -10.01 -26.86 11.75
C THR B 207 -9.93 -26.67 10.23
N PHE B 208 -8.76 -26.28 9.70
CA PHE B 208 -8.73 -25.82 8.32
C PHE B 208 -8.77 -27.01 7.39
N LYS B 209 -8.15 -28.13 7.79
CA LYS B 209 -8.19 -29.31 6.95
C LYS B 209 -9.63 -29.86 6.87
N SER B 210 -10.44 -29.64 7.92
CA SER B 210 -11.83 -30.11 7.95
C SER B 210 -12.75 -29.22 7.11
N LEU B 211 -12.45 -27.89 7.07
CA LEU B 211 -13.33 -26.96 6.37
C LEU B 211 -13.00 -26.91 4.88
N PHE B 212 -11.71 -26.77 4.52
CA PHE B 212 -11.31 -26.47 3.16
C PHE B 212 -11.24 -27.74 2.32
N ARG B 213 -12.38 -28.18 1.78
CA ARG B 213 -12.46 -29.41 1.00
C ARG B 213 -13.38 -29.23 -0.19
N ALA B 214 -13.17 -30.02 -1.26
CA ALA B 214 -14.11 -30.09 -2.38
C ALA B 214 -15.42 -30.72 -1.88
N SER B 215 -16.50 -30.51 -2.63
N SER B 215 -16.52 -30.49 -2.61
CA SER B 215 -17.83 -30.92 -2.20
CA SER B 215 -17.84 -30.94 -2.17
C SER B 215 -17.90 -32.44 -2.01
C SER B 215 -17.88 -32.45 -1.98
N ASP B 216 -17.29 -33.18 -2.94
CA ASP B 216 -17.25 -34.64 -2.89
C ASP B 216 -16.30 -35.14 -1.79
N GLU B 217 -15.54 -34.25 -1.14
CA GLU B 217 -14.67 -34.62 -0.04
C GLU B 217 -15.25 -34.23 1.31
N SER B 218 -16.49 -33.72 1.35
CA SER B 218 -17.05 -33.11 2.54
C SER B 218 -17.01 -34.08 3.72
N VAL B 219 -16.64 -33.56 4.91
CA VAL B 219 -16.65 -34.36 6.13
C VAL B 219 -17.51 -33.67 7.20
N LEU B 220 -18.54 -32.90 6.77
CA LEU B 220 -19.30 -32.05 7.67
C LEU B 220 -20.80 -32.12 7.37
N SER B 221 -21.57 -32.82 8.20
CA SER B 221 -23.02 -32.77 8.15
C SER B 221 -23.50 -31.57 8.96
N MET B 222 -23.78 -30.45 8.27
CA MET B 222 -24.03 -29.17 8.92
C MET B 222 -25.46 -29.09 9.48
N HIS B 223 -26.25 -30.17 9.33
CA HIS B 223 -27.55 -30.27 9.97
C HIS B 223 -27.37 -30.89 11.35
N LYS B 224 -28.07 -30.36 12.36
CA LYS B 224 -28.10 -30.89 13.72
C LYS B 224 -26.72 -30.76 14.36
N VAL B 225 -26.15 -29.56 14.28
CA VAL B 225 -24.80 -29.31 14.77
C VAL B 225 -24.84 -29.09 16.28
N CYS B 226 -25.88 -28.40 16.75
CA CYS B 226 -26.04 -28.10 18.18
C CYS B 226 -26.25 -29.41 18.93
N GLU B 227 -27.29 -30.17 18.52
CA GLU B 227 -27.59 -31.45 19.12
C GLU B 227 -26.33 -32.31 19.15
N ALA B 228 -25.55 -32.25 18.07
CA ALA B 228 -24.34 -33.04 17.93
C ALA B 228 -23.31 -32.65 18.99
N GLY B 229 -23.25 -31.35 19.32
CA GLY B 229 -22.25 -30.84 20.25
C GLY B 229 -21.24 -29.91 19.58
N GLY B 230 -21.09 -30.00 18.25
CA GLY B 230 -20.15 -29.14 17.55
C GLY B 230 -20.08 -29.41 16.05
N LEU B 231 -19.26 -28.58 15.37
CA LEU B 231 -19.00 -28.71 13.95
C LEU B 231 -18.23 -29.97 13.59
N PHE B 232 -17.30 -30.36 14.48
CA PHE B 232 -16.31 -31.37 14.18
C PHE B 232 -16.37 -32.53 15.16
N VAL B 233 -17.55 -32.77 15.74
CA VAL B 233 -17.69 -33.85 16.72
C VAL B 233 -17.69 -35.20 16.00
N ASN B 234 -18.23 -35.25 14.78
CA ASN B 234 -18.31 -36.50 14.04
C ASN B 234 -17.39 -36.48 12.81
N SER B 235 -16.24 -35.80 12.93
N SER B 235 -16.22 -35.86 12.96
CA SER B 235 -15.28 -35.68 11.83
CA SER B 235 -15.28 -35.70 11.85
C SER B 235 -13.94 -36.28 12.24
C SER B 235 -13.92 -36.28 12.25
N PRO B 236 -13.13 -36.81 11.30
CA PRO B 236 -11.83 -37.41 11.61
C PRO B 236 -10.94 -36.58 12.54
N GLU B 237 -10.09 -37.27 13.31
CA GLU B 237 -9.19 -36.65 14.27
C GLU B 237 -7.94 -36.17 13.55
N GLU B 238 -7.53 -36.88 12.49
CA GLU B 238 -6.46 -36.45 11.61
C GLU B 238 -7.00 -36.45 10.19
N PRO B 239 -7.78 -35.41 9.77
CA PRO B 239 -8.36 -35.35 8.44
C PRO B 239 -7.26 -35.38 7.38
N SER B 240 -7.58 -35.94 6.21
CA SER B 240 -6.67 -35.95 5.08
C SER B 240 -6.62 -34.54 4.48
N LEU B 241 -5.60 -34.30 3.65
CA LEU B 241 -5.45 -33.04 2.92
C LEU B 241 -6.35 -33.03 1.69
N SER B 242 -7.22 -32.02 1.55
CA SER B 242 -7.99 -31.88 0.34
C SER B 242 -7.08 -31.79 -0.88
N ARG B 243 -7.59 -32.26 -2.02
CA ARG B 243 -6.92 -32.05 -3.30
C ARG B 243 -6.74 -30.55 -3.55
N MET B 244 -7.64 -29.75 -2.96
CA MET B 244 -7.69 -28.31 -3.16
C MET B 244 -6.49 -27.55 -2.58
N VAL B 245 -5.86 -28.05 -1.50
CA VAL B 245 -4.88 -27.27 -0.76
C VAL B 245 -3.64 -28.10 -0.44
N THR B 246 -2.52 -27.41 -0.22
CA THR B 246 -1.27 -28.02 0.21
C THR B 246 -1.12 -27.86 1.72
N GLU B 247 -0.18 -28.63 2.26
CA GLU B 247 0.12 -28.53 3.69
C GLU B 247 0.53 -27.10 4.03
N GLU B 248 1.42 -26.55 3.20
CA GLU B 248 1.99 -25.24 3.46
C GLU B 248 0.87 -24.20 3.43
N GLU B 249 -0.08 -24.33 2.51
CA GLU B 249 -1.21 -23.42 2.46
C GLU B 249 -2.03 -23.53 3.76
N ILE B 250 -2.23 -24.74 4.28
CA ILE B 250 -2.94 -24.89 5.55
C ILE B 250 -2.19 -24.19 6.67
N GLN B 251 -0.87 -24.35 6.72
CA GLN B 251 -0.06 -23.80 7.79
C GLN B 251 -0.12 -22.28 7.75
N PHE B 252 -0.29 -21.69 6.56
CA PHE B 252 -0.48 -20.25 6.48
C PHE B 252 -1.72 -19.83 7.27
N TYR B 253 -2.86 -20.51 7.02
CA TYR B 253 -4.08 -20.17 7.75
C TYR B 253 -3.90 -20.39 9.26
N VAL B 254 -3.21 -21.48 9.63
CA VAL B 254 -2.93 -21.74 11.04
C VAL B 254 -2.19 -20.56 11.66
N GLN B 255 -1.08 -20.16 11.01
N GLN B 255 -1.09 -20.11 11.03
CA GLN B 255 -0.26 -19.03 11.41
CA GLN B 255 -0.31 -19.02 11.58
C GLN B 255 -1.11 -17.77 11.63
C GLN B 255 -1.16 -17.75 11.69
N GLN B 256 -1.98 -17.46 10.67
CA GLN B 256 -2.81 -16.28 10.71
C GLN B 256 -3.76 -16.30 11.91
N PHE B 257 -4.33 -17.48 12.20
CA PHE B 257 -5.42 -17.52 13.17
C PHE B 257 -4.90 -17.58 14.59
N LYS B 258 -3.60 -17.84 14.75
CA LYS B 258 -2.95 -17.72 16.06
C LYS B 258 -2.99 -16.28 16.57
N LYS B 259 -3.08 -15.29 15.67
CA LYS B 259 -2.93 -13.91 16.08
C LYS B 259 -4.14 -13.47 16.91
N SER B 260 -5.37 -13.80 16.46
CA SER B 260 -6.57 -13.32 17.13
C SER B 260 -7.62 -14.43 17.36
N GLY B 261 -7.43 -15.62 16.80
CA GLY B 261 -8.40 -16.70 16.94
C GLY B 261 -9.74 -16.36 16.29
N PHE B 262 -10.84 -16.94 16.80
CA PHE B 262 -12.08 -17.01 16.04
C PHE B 262 -13.17 -16.10 16.61
N ARG B 263 -12.91 -15.38 17.71
CA ARG B 263 -13.95 -14.55 18.30
C ARG B 263 -14.43 -13.49 17.31
N GLY B 264 -13.49 -12.71 16.75
CA GLY B 264 -13.84 -11.66 15.80
C GLY B 264 -14.54 -12.24 14.57
N PRO B 265 -13.94 -13.26 13.93
CA PRO B 265 -14.61 -13.96 12.82
C PRO B 265 -16.03 -14.40 13.16
N LEU B 266 -16.21 -15.05 14.32
CA LEU B 266 -17.54 -15.51 14.69
C LEU B 266 -18.52 -14.37 14.97
N ASN B 267 -18.02 -13.19 15.42
CA ASN B 267 -18.85 -12.02 15.67
C ASN B 267 -19.62 -11.58 14.43
N TRP B 268 -19.10 -11.91 13.23
CA TRP B 268 -19.77 -11.58 11.99
C TRP B 268 -21.19 -12.18 11.94
N TYR B 269 -21.35 -13.34 12.60
CA TYR B 269 -22.62 -14.05 12.63
C TYR B 269 -23.54 -13.58 13.77
N ARG B 270 -23.03 -12.74 14.68
CA ARG B 270 -23.72 -12.46 15.93
C ARG B 270 -24.35 -11.09 15.94
N ASN B 271 -24.73 -10.59 14.74
CA ASN B 271 -25.32 -9.27 14.57
C ASN B 271 -26.58 -9.36 13.70
N MET B 272 -27.26 -10.52 13.75
CA MET B 272 -28.37 -10.75 12.85
C MET B 272 -29.47 -9.71 13.10
N GLU B 273 -29.79 -9.47 14.39
CA GLU B 273 -30.76 -8.46 14.80
C GLU B 273 -30.43 -7.12 14.17
N ARG B 274 -29.23 -6.66 14.51
CA ARG B 274 -28.75 -5.33 14.16
C ARG B 274 -28.71 -5.17 12.64
N ASN B 275 -28.30 -6.23 11.93
CA ASN B 275 -28.12 -6.14 10.50
C ASN B 275 -29.48 -6.03 9.83
N TRP B 276 -30.47 -6.76 10.38
CA TRP B 276 -31.77 -6.82 9.75
C TRP B 276 -32.47 -5.45 9.81
N LYS B 277 -32.38 -4.77 10.95
CA LYS B 277 -32.97 -3.44 11.11
C LYS B 277 -32.32 -2.43 10.16
N TRP B 278 -30.99 -2.45 10.14
CA TRP B 278 -30.23 -1.60 9.22
C TRP B 278 -30.72 -1.81 7.80
N ALA B 279 -30.78 -3.07 7.37
CA ALA B 279 -31.13 -3.39 5.99
C ALA B 279 -32.52 -2.89 5.67
N CYS B 280 -33.45 -3.01 6.63
CA CYS B 280 -34.83 -2.55 6.43
C CYS B 280 -34.85 -1.08 6.01
N LYS B 281 -33.90 -0.28 6.50
CA LYS B 281 -33.88 1.15 6.27
C LYS B 281 -33.48 1.48 4.83
N SER B 282 -32.98 0.50 4.07
CA SER B 282 -32.92 0.65 2.63
C SER B 282 -34.25 0.22 2.03
N LEU B 283 -35.27 1.07 2.23
CA LEU B 283 -36.64 0.74 1.88
C LEU B 283 -36.79 0.83 0.37
N GLY B 284 -36.77 -0.34 -0.29
CA GLY B 284 -37.12 -0.45 -1.70
C GLY B 284 -36.05 0.12 -2.63
N ARG B 285 -34.91 0.59 -2.10
CA ARG B 285 -33.80 1.01 -2.93
C ARG B 285 -33.32 -0.17 -3.77
N LYS B 286 -33.00 0.10 -5.03
CA LYS B 286 -32.37 -0.85 -5.91
C LYS B 286 -30.87 -0.59 -5.93
N ILE B 287 -30.14 -1.54 -6.51
CA ILE B 287 -28.74 -1.40 -6.86
C ILE B 287 -28.68 -1.17 -8.36
N LEU B 288 -28.18 0.02 -8.76
CA LEU B 288 -28.25 0.45 -10.16
C LEU B 288 -26.88 0.40 -10.80
N ILE B 289 -25.85 0.10 -10.00
CA ILE B 289 -24.51 0.03 -10.54
C ILE B 289 -24.35 -1.34 -11.18
N PRO B 290 -23.33 -1.55 -12.02
CA PRO B 290 -23.10 -2.85 -12.63
C PRO B 290 -22.84 -3.90 -11.54
N ALA B 291 -23.46 -5.07 -11.70
CA ALA B 291 -23.46 -6.11 -10.68
C ALA B 291 -23.28 -7.49 -11.31
N LEU B 292 -22.57 -8.36 -10.58
CA LEU B 292 -22.29 -9.71 -11.02
C LEU B 292 -22.58 -10.65 -9.87
N MET B 293 -23.37 -11.70 -10.14
CA MET B 293 -23.66 -12.72 -9.16
C MET B 293 -23.14 -14.04 -9.71
N VAL B 294 -22.23 -14.68 -8.98
CA VAL B 294 -21.66 -15.94 -9.36
C VAL B 294 -22.14 -17.01 -8.39
N THR B 295 -22.80 -18.03 -8.95
CA THR B 295 -23.25 -19.16 -8.16
C THR B 295 -22.32 -20.35 -8.35
N ALA B 296 -22.30 -21.19 -7.32
CA ALA B 296 -21.52 -22.41 -7.26
C ALA B 296 -22.49 -23.59 -7.10
N GLU B 297 -22.40 -24.54 -8.03
CA GLU B 297 -23.33 -25.67 -8.11
C GLU B 297 -23.36 -26.47 -6.81
N LYS B 298 -22.21 -26.75 -6.21
CA LYS B 298 -22.13 -27.69 -5.10
C LYS B 298 -21.90 -26.95 -3.77
N ASP B 299 -22.25 -25.66 -3.71
CA ASP B 299 -22.37 -24.99 -2.43
C ASP B 299 -23.75 -25.38 -1.87
N PHE B 300 -23.76 -26.23 -0.86
CA PHE B 300 -25.00 -26.80 -0.39
C PHE B 300 -25.65 -25.88 0.63
N VAL B 301 -24.92 -24.85 1.10
CA VAL B 301 -25.46 -23.88 2.03
C VAL B 301 -25.93 -22.65 1.24
N LEU B 302 -24.99 -21.94 0.57
CA LEU B 302 -25.35 -20.82 -0.28
C LEU B 302 -25.63 -21.35 -1.68
N VAL B 303 -26.85 -21.90 -1.85
CA VAL B 303 -27.17 -22.65 -3.05
C VAL B 303 -27.54 -21.69 -4.16
N PRO B 304 -27.29 -22.07 -5.44
CA PRO B 304 -27.65 -21.20 -6.56
C PRO B 304 -29.06 -20.65 -6.47
N GLN B 305 -30.04 -21.54 -6.20
CA GLN B 305 -31.44 -21.16 -6.16
C GLN B 305 -31.69 -19.92 -5.30
N MET B 306 -30.88 -19.66 -4.26
CA MET B 306 -31.13 -18.52 -3.38
C MET B 306 -30.96 -17.16 -4.07
N SER B 307 -30.41 -17.15 -5.29
CA SER B 307 -30.13 -15.92 -6.04
C SER B 307 -31.24 -15.63 -7.05
N GLN B 308 -32.22 -16.53 -7.16
CA GLN B 308 -33.29 -16.36 -8.13
C GLN B 308 -34.04 -15.07 -7.79
N HIS B 309 -34.32 -14.26 -8.83
CA HIS B 309 -35.16 -13.07 -8.73
C HIS B 309 -34.37 -11.82 -8.38
N MET B 310 -33.05 -11.94 -8.13
CA MET B 310 -32.23 -10.79 -7.79
C MET B 310 -32.38 -9.67 -8.81
N GLU B 311 -32.69 -10.03 -10.07
CA GLU B 311 -32.94 -9.09 -11.15
C GLU B 311 -33.92 -7.98 -10.77
N ASP B 312 -34.97 -8.35 -10.03
CA ASP B 312 -36.03 -7.45 -9.61
C ASP B 312 -35.49 -6.24 -8.84
N TRP B 313 -34.30 -6.37 -8.23
CA TRP B 313 -33.72 -5.30 -7.43
C TRP B 313 -32.42 -4.76 -8.05
N ILE B 314 -31.93 -5.43 -9.11
CA ILE B 314 -30.63 -5.16 -9.71
C ILE B 314 -30.74 -5.18 -11.23
N PRO B 315 -31.06 -4.02 -11.87
CA PRO B 315 -31.27 -3.96 -13.33
C PRO B 315 -30.10 -4.37 -14.21
N HIS B 316 -28.86 -4.14 -13.74
CA HIS B 316 -27.69 -4.35 -14.58
C HIS B 316 -26.94 -5.57 -14.07
N LEU B 317 -27.72 -6.62 -13.82
CA LEU B 317 -27.22 -7.79 -13.13
C LEU B 317 -26.74 -8.79 -14.17
N LYS B 318 -25.48 -9.21 -14.02
CA LYS B 318 -24.93 -10.27 -14.85
C LYS B 318 -24.73 -11.47 -13.95
N ARG B 319 -24.68 -12.66 -14.55
CA ARG B 319 -24.56 -13.89 -13.79
C ARG B 319 -23.43 -14.72 -14.37
N GLY B 320 -22.78 -15.47 -13.49
CA GLY B 320 -21.90 -16.56 -13.84
C GLY B 320 -22.31 -17.76 -13.00
N HIS B 321 -21.90 -18.94 -13.42
CA HIS B 321 -22.22 -20.17 -12.71
C HIS B 321 -21.06 -21.14 -12.92
N ILE B 322 -20.62 -21.76 -11.83
CA ILE B 322 -19.49 -22.65 -11.84
C ILE B 322 -19.94 -24.05 -11.42
N GLU B 323 -19.78 -24.99 -12.35
CA GLU B 323 -20.17 -26.36 -12.16
C GLU B 323 -19.10 -27.03 -11.31
N ASP B 324 -19.48 -28.04 -10.55
CA ASP B 324 -18.55 -28.89 -9.82
C ASP B 324 -17.77 -28.11 -8.73
N CYS B 325 -18.40 -27.08 -8.20
CA CYS B 325 -17.70 -26.15 -7.31
C CYS B 325 -18.47 -26.07 -6.00
N GLY B 326 -17.75 -26.26 -4.88
CA GLY B 326 -18.31 -26.15 -3.55
C GLY B 326 -18.26 -24.72 -3.01
N HIS B 327 -18.25 -24.63 -1.68
CA HIS B 327 -18.32 -23.34 -1.01
C HIS B 327 -17.08 -22.51 -1.27
N TRP B 328 -15.91 -23.13 -1.43
CA TRP B 328 -14.66 -22.40 -1.35
C TRP B 328 -14.22 -22.01 -2.75
N THR B 329 -15.08 -21.21 -3.41
CA THR B 329 -15.07 -21.02 -4.85
C THR B 329 -13.68 -20.69 -5.41
N GLN B 330 -12.97 -19.74 -4.76
CA GLN B 330 -11.75 -19.20 -5.34
C GLN B 330 -10.66 -20.25 -5.42
N MET B 331 -10.59 -21.19 -4.45
CA MET B 331 -9.55 -22.19 -4.51
C MET B 331 -10.03 -23.52 -5.11
N ASP B 332 -11.35 -23.69 -5.24
CA ASP B 332 -11.92 -24.89 -5.85
C ASP B 332 -11.77 -24.78 -7.36
N LYS B 333 -12.20 -23.65 -7.92
CA LYS B 333 -12.21 -23.45 -9.35
C LYS B 333 -11.60 -22.08 -9.69
N PRO B 334 -10.30 -21.92 -9.39
CA PRO B 334 -9.65 -20.61 -9.57
C PRO B 334 -9.61 -20.13 -11.03
N THR B 335 -9.35 -21.03 -11.96
CA THR B 335 -9.33 -20.65 -13.36
C THR B 335 -10.67 -20.11 -13.83
N GLU B 336 -11.77 -20.80 -13.46
CA GLU B 336 -13.09 -20.37 -13.88
C GLU B 336 -13.47 -19.02 -13.27
N VAL B 337 -13.18 -18.88 -11.96
CA VAL B 337 -13.42 -17.63 -11.25
C VAL B 337 -12.67 -16.51 -11.96
N ASN B 338 -11.39 -16.71 -12.26
CA ASN B 338 -10.59 -15.69 -12.95
C ASN B 338 -11.22 -15.31 -14.30
N GLN B 339 -11.64 -16.31 -15.08
CA GLN B 339 -12.24 -16.03 -16.37
C GLN B 339 -13.51 -15.19 -16.22
N ILE B 340 -14.44 -15.57 -15.33
CA ILE B 340 -15.72 -14.85 -15.17
C ILE B 340 -15.46 -13.40 -14.70
N LEU B 341 -14.61 -13.23 -13.69
CA LEU B 341 -14.35 -11.92 -13.11
C LEU B 341 -13.69 -10.99 -14.13
N ILE B 342 -12.67 -11.50 -14.84
CA ILE B 342 -11.95 -10.64 -15.80
C ILE B 342 -12.88 -10.26 -16.94
N LYS B 343 -13.68 -11.20 -17.43
CA LYS B 343 -14.57 -10.92 -18.54
C LYS B 343 -15.56 -9.81 -18.12
N TRP B 344 -16.11 -9.94 -16.90
CA TRP B 344 -17.05 -8.99 -16.37
C TRP B 344 -16.39 -7.63 -16.14
N LEU B 345 -15.20 -7.63 -15.53
CA LEU B 345 -14.49 -6.38 -15.26
C LEU B 345 -14.28 -5.59 -16.54
N ASP B 346 -13.87 -6.32 -17.58
CA ASP B 346 -13.44 -5.73 -18.84
C ASP B 346 -14.63 -5.18 -19.62
N SER B 347 -15.83 -5.75 -19.43
CA SER B 347 -16.99 -5.39 -20.23
C SER B 347 -17.91 -4.45 -19.48
N ASP B 348 -18.36 -4.85 -18.28
CA ASP B 348 -19.41 -4.12 -17.57
C ASP B 348 -18.90 -3.05 -16.60
N ALA B 349 -17.58 -2.86 -16.47
CA ALA B 349 -17.09 -1.95 -15.44
C ALA B 349 -16.16 -0.89 -16.02
N ARG B 350 -15.04 -1.32 -16.64
N ARG B 350 -15.05 -1.33 -16.64
CA ARG B 350 -13.98 -0.41 -17.03
CA ARG B 350 -13.98 -0.42 -17.06
C ARG B 350 -14.53 0.63 -18.01
C ARG B 350 -14.55 0.64 -18.01
N ASN B 351 -14.08 1.88 -17.85
CA ASN B 351 -14.44 2.99 -18.72
C ASN B 351 -13.17 3.52 -19.39
C1 EDO C . -4.27 13.12 5.04
O1 EDO C . -3.57 13.76 6.08
C2 EDO C . -3.73 13.49 3.70
O2 EDO C . -3.94 14.87 3.41
C1 EDO D . -7.89 12.53 -3.87
O1 EDO D . -7.17 11.31 -4.03
C2 EDO D . -8.23 12.75 -2.45
O2 EDO D . -7.17 12.43 -1.55
C1 EDO E . 32.70 1.90 9.08
O1 EDO E . 32.52 1.06 7.94
C2 EDO E . 32.53 1.21 10.38
O2 EDO E . 32.35 2.09 11.46
C1 EDO F . 0.27 -0.88 0.42
O1 EDO F . 0.81 -1.14 -0.85
C2 EDO F . 0.22 0.58 0.81
O2 EDO F . -0.97 1.30 0.55
N1 A1H5J G . 24.95 15.84 -5.22
C4 A1H5J G . 25.75 17.03 -3.14
C5 A1H5J G . 24.87 16.29 -3.90
C6 A1H5J G . 25.53 16.05 -7.86
C7 A1H5J G . 26.23 16.94 -8.87
O1 A1H5J G . 24.75 17.65 0.81
C1 A1H5J G . 23.84 17.39 0.02
C2 A1H5J G . 24.13 16.95 -1.35
C3 A1H5J G . 25.36 17.35 -1.87
S1 A1H5J G . 26.26 16.04 -6.25
O9 A1H5J G . 26.73 17.39 -6.02
O10 A1H5J G . 27.10 14.92 -5.94
C30 A1H5J G . 23.81 15.14 -5.50
C31 A1H5J G . 22.98 15.17 -4.45
C32 A1H5J G . 23.63 15.88 -3.40
C33 A1H5J G . 23.25 16.24 -2.13
N8 A1H5J G . 22.57 17.61 0.34
C34 A1H5J G . 22.22 17.98 1.70
C35 A1H5J G . 22.30 19.48 1.91
C36 A1H5J G . 22.51 20.05 3.17
C37 A1H5J G . 22.66 19.19 4.37
F1 A1H5J G . 23.72 18.43 4.37
F2 A1H5J G . 22.86 19.84 5.48
F3 A1H5J G . 21.57 18.45 4.58
C38 A1H5J G . 22.48 21.43 3.32
C39 A1H5J G . 22.33 22.26 2.21
N9 A1H5J G . 22.33 23.66 2.44
S2 A1H5J G . 22.76 25.03 1.54
C40 A1H5J G . 21.46 26.20 1.48
C41 A1H5J G . 20.81 26.26 0.13
C42 A1H5J G . 21.55 27.44 0.64
O11 A1H5J G . 23.01 24.66 0.17
O12 A1H5J G . 23.81 25.61 2.33
C43 A1H5J G . 22.19 21.70 0.96
C44 A1H5J G . 22.17 20.33 0.81
C1 EDO H . -0.94 3.40 -12.07
O1 EDO H . 0.35 3.04 -12.61
C2 EDO H . -1.30 2.78 -10.73
O2 EDO H . -2.62 2.21 -10.59
C1 EDO I . -4.75 3.85 -13.09
O1 EDO I . -6.12 4.07 -12.79
C2 EDO I . -4.24 4.65 -14.22
O2 EDO I . -5.03 5.81 -14.51
C1 PEG J . -6.28 3.54 -9.68
O1 PEG J . -4.98 3.80 -9.08
C2 PEG J . -7.35 3.07 -8.73
O2 PEG J . -8.64 3.34 -9.29
C3 PEG J . -9.73 3.34 -8.39
C4 PEG J . -10.35 4.67 -8.31
O4 PEG J . -10.27 5.15 -7.03
C1 EDO K . 3.81 -12.74 -5.86
O1 EDO K . 4.06 -13.99 -5.14
C2 EDO K . 2.45 -12.63 -6.45
O2 EDO K . 2.32 -13.56 -7.50
N1 A1H5J L . -25.14 -15.24 4.96
C4 A1H5J L . -24.78 -17.42 6.17
C5 A1H5J L . -24.40 -16.31 5.41
C6 A1H5J L . -27.49 -14.43 3.78
C7 A1H5J L . -28.63 -15.27 3.21
O1 A1H5J L . -21.72 -19.99 7.32
C1 A1H5J L . -21.50 -19.22 6.38
C2 A1H5J L . -22.49 -18.18 6.01
C3 A1H5J L . -23.81 -18.34 6.46
S1 A1H5J L . -26.79 -15.07 5.28
O9 A1H5J L . -27.34 -16.40 5.37
O10 A1H5J L . -26.88 -14.16 6.39
C30 A1H5J L . -24.29 -14.42 4.24
C31 A1H5J L . -23.06 -14.93 4.25
C32 A1H5J L . -23.09 -16.14 4.97
C33 A1H5J L . -22.12 -17.07 5.28
N8 A1H5J L . -20.37 -19.28 5.66
C34 A1H5J L . -19.30 -20.19 6.03
C35 A1H5J L . -19.61 -21.59 5.56
C36 A1H5J L . -19.13 -22.73 6.25
C37 A1H5J L . -18.32 -22.63 7.50
F1 A1H5J L . -19.01 -22.13 8.53
F2 A1H5J L . -17.93 -23.80 7.99
F3 A1H5J L . -17.22 -21.89 7.36
C38 A1H5J L . -19.42 -23.98 5.73
C39 A1H5J L . -20.20 -24.11 4.58
N9 A1H5J L . -20.50 -25.39 4.08
S2 A1H5J L . -19.36 -26.48 3.60
C40 A1H5J L . -20.14 -27.45 2.36
C41 A1H5J L . -20.02 -27.16 0.89
C42 A1H5J L . -21.30 -26.86 1.61
O11 A1H5J L . -19.08 -27.32 4.74
O12 A1H5J L . -18.31 -25.71 3.02
C43 A1H5J L . -20.66 -23.00 3.91
C44 A1H5J L . -20.36 -21.75 4.40
#